data_1DFS
# 
_entry.id   1DFS 
# 
_audit_conform.dict_name       mmcif_pdbx.dic 
_audit_conform.dict_version    5.392 
_audit_conform.dict_location   http://mmcif.pdb.org/dictionaries/ascii/mmcif_pdbx.dic 
# 
loop_
_database_2.database_id 
_database_2.database_code 
_database_2.pdbx_database_accession 
_database_2.pdbx_DOI 
PDB   1DFS         pdb_00001dfs 10.2210/pdb1dfs/pdb 
RCSB  RCSB010045   ?            ?                   
WWPDB D_1000010045 ?            ?                   
# 
loop_
_pdbx_audit_revision_history.ordinal 
_pdbx_audit_revision_history.data_content_type 
_pdbx_audit_revision_history.major_revision 
_pdbx_audit_revision_history.minor_revision 
_pdbx_audit_revision_history.revision_date 
1 'Structure model' 1 0 1999-12-01 
2 'Structure model' 1 1 2008-04-27 
3 'Structure model' 1 2 2011-07-13 
4 'Structure model' 1 3 2022-02-16 
5 'Structure model' 1 4 2024-05-22 
# 
_pdbx_audit_revision_details.ordinal             1 
_pdbx_audit_revision_details.revision_ordinal    1 
_pdbx_audit_revision_details.data_content_type   'Structure model' 
_pdbx_audit_revision_details.provider            repository 
_pdbx_audit_revision_details.type                'Initial release' 
_pdbx_audit_revision_details.description         ? 
_pdbx_audit_revision_details.details             ? 
# 
loop_
_pdbx_audit_revision_group.ordinal 
_pdbx_audit_revision_group.revision_ordinal 
_pdbx_audit_revision_group.data_content_type 
_pdbx_audit_revision_group.group 
1 2 'Structure model' 'Version format compliance' 
2 3 'Structure model' 'Version format compliance' 
3 4 'Structure model' 'Database references'       
4 4 'Structure model' 'Derived calculations'      
5 5 'Structure model' 'Data collection'           
# 
loop_
_pdbx_audit_revision_category.ordinal 
_pdbx_audit_revision_category.revision_ordinal 
_pdbx_audit_revision_category.data_content_type 
_pdbx_audit_revision_category.category 
1 4 'Structure model' database_2             
2 4 'Structure model' pdbx_struct_assembly   
3 4 'Structure model' pdbx_struct_conn_angle 
4 4 'Structure model' pdbx_struct_oper_list  
5 4 'Structure model' struct_conn            
6 4 'Structure model' struct_site            
7 5 'Structure model' chem_comp_atom         
8 5 'Structure model' chem_comp_bond         
# 
loop_
_pdbx_audit_revision_item.ordinal 
_pdbx_audit_revision_item.revision_ordinal 
_pdbx_audit_revision_item.data_content_type 
_pdbx_audit_revision_item.item 
1  4 'Structure model' '_database_2.pdbx_DOI'                        
2  4 'Structure model' '_database_2.pdbx_database_accession'         
3  4 'Structure model' '_pdbx_struct_conn_angle.ptnr1_auth_seq_id'   
4  4 'Structure model' '_pdbx_struct_conn_angle.ptnr1_label_seq_id'  
5  4 'Structure model' '_pdbx_struct_conn_angle.ptnr2_auth_seq_id'   
6  4 'Structure model' '_pdbx_struct_conn_angle.ptnr2_label_asym_id' 
7  4 'Structure model' '_pdbx_struct_conn_angle.ptnr3_auth_seq_id'   
8  4 'Structure model' '_pdbx_struct_conn_angle.ptnr3_label_seq_id'  
9  4 'Structure model' '_pdbx_struct_conn_angle.value'               
10 4 'Structure model' '_struct_conn.pdbx_dist_value'                
11 4 'Structure model' '_struct_conn.ptnr1_auth_comp_id'             
12 4 'Structure model' '_struct_conn.ptnr1_auth_seq_id'              
13 4 'Structure model' '_struct_conn.ptnr1_label_asym_id'            
14 4 'Structure model' '_struct_conn.ptnr1_label_atom_id'            
15 4 'Structure model' '_struct_conn.ptnr1_label_comp_id'            
16 4 'Structure model' '_struct_conn.ptnr1_label_seq_id'             
17 4 'Structure model' '_struct_conn.ptnr2_auth_comp_id'             
18 4 'Structure model' '_struct_conn.ptnr2_auth_seq_id'              
19 4 'Structure model' '_struct_conn.ptnr2_label_asym_id'            
20 4 'Structure model' '_struct_conn.ptnr2_label_atom_id'            
21 4 'Structure model' '_struct_conn.ptnr2_label_comp_id'            
22 4 'Structure model' '_struct_conn.ptnr2_label_seq_id'             
23 4 'Structure model' '_struct_site.pdbx_auth_asym_id'              
24 4 'Structure model' '_struct_site.pdbx_auth_comp_id'              
25 4 'Structure model' '_struct_site.pdbx_auth_seq_id'               
# 
_pdbx_database_status.status_code                     REL 
_pdbx_database_status.entry_id                        1DFS 
_pdbx_database_status.recvd_initial_deposition_date   1999-11-20 
_pdbx_database_status.deposit_site                    RCSB 
_pdbx_database_status.process_site                    RCSB 
_pdbx_database_status.status_code_mr                  REL 
_pdbx_database_status.SG_entry                        . 
_pdbx_database_status.pdb_format_compatible           Y 
_pdbx_database_status.status_code_sf                  ? 
_pdbx_database_status.status_code_cs                  ? 
_pdbx_database_status.status_code_nmr_data            ? 
_pdbx_database_status.methods_development_category    ? 
# 
loop_
_audit_author.name 
_audit_author.pdbx_ordinal 
'Zangger, K.'    1 
'Oz, G.'         2 
'Otvos, J.D.'    3 
'Armitage, I.M.' 4 
# 
_citation.id                        primary 
_citation.title                     
'Three-dimensional solution structure of mouse [Cd7]-metallothionein-1 by homonuclear and heteronuclear NMR spectroscopy.' 
_citation.journal_abbrev            'Protein Sci.' 
_citation.journal_volume            8 
_citation.page_first                2630 
_citation.page_last                 2638 
_citation.year                      1999 
_citation.journal_id_ASTM           PRCIEI 
_citation.country                   US 
_citation.journal_id_ISSN           0961-8368 
_citation.journal_id_CSD            0795 
_citation.book_publisher            ? 
_citation.pdbx_database_id_PubMed   10631978 
_citation.pdbx_database_id_DOI      ? 
# 
loop_
_citation_author.citation_id 
_citation_author.name 
_citation_author.ordinal 
_citation_author.identifier_ORCID 
primary 'Zangger, K.'    1 ? 
primary 'Oz, G.'         2 ? 
primary 'Otvos, J.D.'    3 ? 
primary 'Armitage, I.M.' 4 ? 
# 
loop_
_entity.id 
_entity.type 
_entity.src_method 
_entity.pdbx_description 
_entity.formula_weight 
_entity.pdbx_number_of_molecules 
_entity.pdbx_ec 
_entity.pdbx_mutation 
_entity.pdbx_fragment 
_entity.details 
1 polymer     man METALLOTHIONEIN-1 3025.702 1 ? ? 'C-TERMINAL DOMAIN (ALPHA)' ? 
2 non-polymer syn 'CADMIUM ION'     112.411  4 ? ? ?                           ? 
# 
_entity_poly.entity_id                      1 
_entity_poly.type                           'polypeptide(L)' 
_entity_poly.nstd_linkage                   no 
_entity_poly.nstd_monomer                   no 
_entity_poly.pdbx_seq_one_letter_code       KSCCSCCPVGCSKCAQGCVCKGAADKCTCCA 
_entity_poly.pdbx_seq_one_letter_code_can   KSCCSCCPVGCSKCAQGCVCKGAADKCTCCA 
_entity_poly.pdbx_strand_id                 A 
_entity_poly.pdbx_target_identifier         ? 
# 
_pdbx_entity_nonpoly.entity_id   2 
_pdbx_entity_nonpoly.name        'CADMIUM ION' 
_pdbx_entity_nonpoly.comp_id     CD 
# 
loop_
_entity_poly_seq.entity_id 
_entity_poly_seq.num 
_entity_poly_seq.mon_id 
_entity_poly_seq.hetero 
1 1  LYS n 
1 2  SER n 
1 3  CYS n 
1 4  CYS n 
1 5  SER n 
1 6  CYS n 
1 7  CYS n 
1 8  PRO n 
1 9  VAL n 
1 10 GLY n 
1 11 CYS n 
1 12 SER n 
1 13 LYS n 
1 14 CYS n 
1 15 ALA n 
1 16 GLN n 
1 17 GLY n 
1 18 CYS n 
1 19 VAL n 
1 20 CYS n 
1 21 LYS n 
1 22 GLY n 
1 23 ALA n 
1 24 ALA n 
1 25 ASP n 
1 26 LYS n 
1 27 CYS n 
1 28 THR n 
1 29 CYS n 
1 30 CYS n 
1 31 ALA n 
# 
_entity_src_gen.entity_id                          1 
_entity_src_gen.pdbx_src_id                        1 
_entity_src_gen.pdbx_alt_source_flag               sample 
_entity_src_gen.pdbx_seq_type                      ? 
_entity_src_gen.pdbx_beg_seq_num                   ? 
_entity_src_gen.pdbx_end_seq_num                   ? 
_entity_src_gen.gene_src_common_name               'house mouse' 
_entity_src_gen.gene_src_genus                     Mus 
_entity_src_gen.pdbx_gene_src_gene                 ? 
_entity_src_gen.gene_src_species                   ? 
_entity_src_gen.gene_src_strain                    ? 
_entity_src_gen.gene_src_tissue                    ? 
_entity_src_gen.gene_src_tissue_fraction           ? 
_entity_src_gen.gene_src_details                   ? 
_entity_src_gen.pdbx_gene_src_fragment             ? 
_entity_src_gen.pdbx_gene_src_scientific_name      'Mus musculus' 
_entity_src_gen.pdbx_gene_src_ncbi_taxonomy_id     10090 
_entity_src_gen.pdbx_gene_src_variant              ? 
_entity_src_gen.pdbx_gene_src_cell_line            ? 
_entity_src_gen.pdbx_gene_src_atcc                 ? 
_entity_src_gen.pdbx_gene_src_organ                ? 
_entity_src_gen.pdbx_gene_src_organelle            ? 
_entity_src_gen.pdbx_gene_src_cell                 ? 
_entity_src_gen.pdbx_gene_src_cellular_location    ? 
_entity_src_gen.host_org_common_name               ? 
_entity_src_gen.pdbx_host_org_scientific_name      'Escherichia coli BL21' 
_entity_src_gen.pdbx_host_org_ncbi_taxonomy_id     511693 
_entity_src_gen.host_org_genus                     Escherichia 
_entity_src_gen.pdbx_host_org_gene                 ? 
_entity_src_gen.pdbx_host_org_organ                ? 
_entity_src_gen.host_org_species                   'Escherichia coli' 
_entity_src_gen.pdbx_host_org_tissue               ? 
_entity_src_gen.pdbx_host_org_tissue_fraction      ? 
_entity_src_gen.pdbx_host_org_strain               BL21 
_entity_src_gen.pdbx_host_org_variant              ? 
_entity_src_gen.pdbx_host_org_cell_line            ? 
_entity_src_gen.pdbx_host_org_atcc                 ? 
_entity_src_gen.pdbx_host_org_culture_collection   ? 
_entity_src_gen.pdbx_host_org_cell                 ? 
_entity_src_gen.pdbx_host_org_organelle            ? 
_entity_src_gen.pdbx_host_org_cellular_location    ? 
_entity_src_gen.pdbx_host_org_vector_type          PLASMID 
_entity_src_gen.pdbx_host_org_vector               ? 
_entity_src_gen.host_org_details                   ? 
_entity_src_gen.expression_system_id               ? 
_entity_src_gen.plasmid_name                       PET3D 
_entity_src_gen.plasmid_details                    ? 
_entity_src_gen.pdbx_description                   ? 
# 
loop_
_chem_comp.id 
_chem_comp.type 
_chem_comp.mon_nstd_flag 
_chem_comp.name 
_chem_comp.pdbx_synonyms 
_chem_comp.formula 
_chem_comp.formula_weight 
ALA 'L-peptide linking' y ALANINE         ? 'C3 H7 N O2'     89.093  
ASP 'L-peptide linking' y 'ASPARTIC ACID' ? 'C4 H7 N O4'     133.103 
CD  non-polymer         . 'CADMIUM ION'   ? 'Cd 2'           112.411 
CYS 'L-peptide linking' y CYSTEINE        ? 'C3 H7 N O2 S'   121.158 
GLN 'L-peptide linking' y GLUTAMINE       ? 'C5 H10 N2 O3'   146.144 
GLY 'peptide linking'   y GLYCINE         ? 'C2 H5 N O2'     75.067  
LYS 'L-peptide linking' y LYSINE          ? 'C6 H15 N2 O2 1' 147.195 
PRO 'L-peptide linking' y PROLINE         ? 'C5 H9 N O2'     115.130 
SER 'L-peptide linking' y SERINE          ? 'C3 H7 N O3'     105.093 
THR 'L-peptide linking' y THREONINE       ? 'C4 H9 N O3'     119.119 
VAL 'L-peptide linking' y VALINE          ? 'C5 H11 N O2'    117.146 
# 
loop_
_pdbx_poly_seq_scheme.asym_id 
_pdbx_poly_seq_scheme.entity_id 
_pdbx_poly_seq_scheme.seq_id 
_pdbx_poly_seq_scheme.mon_id 
_pdbx_poly_seq_scheme.ndb_seq_num 
_pdbx_poly_seq_scheme.pdb_seq_num 
_pdbx_poly_seq_scheme.auth_seq_num 
_pdbx_poly_seq_scheme.pdb_mon_id 
_pdbx_poly_seq_scheme.auth_mon_id 
_pdbx_poly_seq_scheme.pdb_strand_id 
_pdbx_poly_seq_scheme.pdb_ins_code 
_pdbx_poly_seq_scheme.hetero 
A 1 1  LYS 1  1  1  LYS LYS A . n 
A 1 2  SER 2  2  2  SER SER A . n 
A 1 3  CYS 3  3  3  CYS CYS A . n 
A 1 4  CYS 4  4  4  CYS CYS A . n 
A 1 5  SER 5  5  5  SER SER A . n 
A 1 6  CYS 6  6  6  CYS CYS A . n 
A 1 7  CYS 7  7  7  CYS CYS A . n 
A 1 8  PRO 8  8  8  PRO PRO A . n 
A 1 9  VAL 9  9  9  VAL VAL A . n 
A 1 10 GLY 10 10 10 GLY GLY A . n 
A 1 11 CYS 11 11 11 CYS CYS A . n 
A 1 12 SER 12 12 12 SER SER A . n 
A 1 13 LYS 13 13 13 LYS LYS A . n 
A 1 14 CYS 14 14 14 CYS CYS A . n 
A 1 15 ALA 15 15 15 ALA ALA A . n 
A 1 16 GLN 16 16 16 GLN GLN A . n 
A 1 17 GLY 17 17 17 GLY GLY A . n 
A 1 18 CYS 18 18 18 CYS CYS A . n 
A 1 19 VAL 19 19 19 VAL VAL A . n 
A 1 20 CYS 20 20 20 CYS CYS A . n 
A 1 21 LYS 21 21 21 LYS LYS A . n 
A 1 22 GLY 22 22 22 GLY GLY A . n 
A 1 23 ALA 23 23 23 ALA ALA A . n 
A 1 24 ALA 24 24 24 ALA ALA A . n 
A 1 25 ASP 25 25 25 ASP ASP A . n 
A 1 26 LYS 26 26 26 LYS LYS A . n 
A 1 27 CYS 27 27 27 CYS CYS A . n 
A 1 28 THR 28 28 28 THR THR A . n 
A 1 29 CYS 29 29 29 CYS CYS A . n 
A 1 30 CYS 30 30 30 CYS CYS A . n 
A 1 31 ALA 31 31 31 ALA ALA A . n 
# 
loop_
_pdbx_nonpoly_scheme.asym_id 
_pdbx_nonpoly_scheme.entity_id 
_pdbx_nonpoly_scheme.mon_id 
_pdbx_nonpoly_scheme.ndb_seq_num 
_pdbx_nonpoly_scheme.pdb_seq_num 
_pdbx_nonpoly_scheme.auth_seq_num 
_pdbx_nonpoly_scheme.pdb_mon_id 
_pdbx_nonpoly_scheme.auth_mon_id 
_pdbx_nonpoly_scheme.pdb_strand_id 
_pdbx_nonpoly_scheme.pdb_ins_code 
B 2 CD 1 32 -99999 CD CD A . 
C 2 CD 1 33 -99999 CD CD A . 
D 2 CD 1 34 -99999 CD CD A . 
E 2 CD 1 35 -99999 CD CD A . 
# 
_cell.entry_id           1DFS 
_cell.length_a           1.000 
_cell.length_b           1.000 
_cell.length_c           1.000 
_cell.angle_alpha        90.00 
_cell.angle_beta         90.00 
_cell.angle_gamma        90.00 
_cell.Z_PDB              1 
_cell.pdbx_unique_axis   ? 
# 
_symmetry.entry_id                         1DFS 
_symmetry.space_group_name_H-M             'P 1' 
_symmetry.pdbx_full_space_group_name_H-M   ? 
_symmetry.cell_setting                     ? 
_symmetry.Int_Tables_number                1 
# 
_exptl.entry_id          1DFS 
_exptl.method            'SOLUTION NMR' 
_exptl.crystals_number   ? 
# 
_struct.entry_id                  1DFS 
_struct.title                     'SOLUTION STRUCTURE OF THE ALPHA-DOMAIN OF MOUSE METALLOTHIONEIN-1' 
_struct.pdbx_model_details        ? 
_struct.pdbx_CASP_flag            ? 
_struct.pdbx_model_type_details   'minimized average' 
# 
_struct_keywords.entry_id        1DFS 
_struct_keywords.pdbx_keywords   'METAL BINDING PROTEIN' 
_struct_keywords.text            '3-10 HELIX, CD-S CLUSTER, HALF TURN, METAL BINDING PROTEIN' 
# 
loop_
_struct_asym.id 
_struct_asym.pdbx_blank_PDB_chainid_flag 
_struct_asym.pdbx_modified 
_struct_asym.entity_id 
_struct_asym.details 
A N N 1 ? 
B N N 2 ? 
C N N 2 ? 
D N N 2 ? 
E N N 2 ? 
# 
_struct_ref.id                         1 
_struct_ref.db_name                    UNP 
_struct_ref.db_code                    MT1_MOUSE 
_struct_ref.entity_id                  1 
_struct_ref.pdbx_db_accession          P02802 
_struct_ref.pdbx_db_isoform            ? 
_struct_ref.pdbx_seq_one_letter_code   ? 
_struct_ref.pdbx_align_begin           ? 
# 
_struct_ref_seq.align_id                      1 
_struct_ref_seq.ref_id                        1 
_struct_ref_seq.pdbx_PDB_id_code              1DFS 
_struct_ref_seq.pdbx_strand_id                A 
_struct_ref_seq.seq_align_beg                 1 
_struct_ref_seq.pdbx_seq_align_beg_ins_code   ? 
_struct_ref_seq.seq_align_end                 31 
_struct_ref_seq.pdbx_seq_align_end_ins_code   ? 
_struct_ref_seq.pdbx_db_accession             P02802 
_struct_ref_seq.db_align_beg                  31 
_struct_ref_seq.pdbx_db_align_beg_ins_code    ? 
_struct_ref_seq.db_align_end                  61 
_struct_ref_seq.pdbx_db_align_end_ins_code    ? 
_struct_ref_seq.pdbx_auth_seq_align_beg       1 
_struct_ref_seq.pdbx_auth_seq_align_end       31 
# 
_pdbx_struct_assembly.id                   1 
_pdbx_struct_assembly.details              author_defined_assembly 
_pdbx_struct_assembly.method_details       ? 
_pdbx_struct_assembly.oligomeric_details   monomeric 
_pdbx_struct_assembly.oligomeric_count     1 
# 
_pdbx_struct_assembly_gen.assembly_id       1 
_pdbx_struct_assembly_gen.oper_expression   1 
_pdbx_struct_assembly_gen.asym_id_list      A,B,C,D,E 
# 
_pdbx_struct_oper_list.id                   1 
_pdbx_struct_oper_list.type                 'identity operation' 
_pdbx_struct_oper_list.name                 1_555 
_pdbx_struct_oper_list.symmetry_operation   x,y,z 
_pdbx_struct_oper_list.matrix[1][1]         1.0000000000 
_pdbx_struct_oper_list.matrix[1][2]         0.0000000000 
_pdbx_struct_oper_list.matrix[1][3]         0.0000000000 
_pdbx_struct_oper_list.vector[1]            0.0000000000 
_pdbx_struct_oper_list.matrix[2][1]         0.0000000000 
_pdbx_struct_oper_list.matrix[2][2]         1.0000000000 
_pdbx_struct_oper_list.matrix[2][3]         0.0000000000 
_pdbx_struct_oper_list.vector[2]            0.0000000000 
_pdbx_struct_oper_list.matrix[3][1]         0.0000000000 
_pdbx_struct_oper_list.matrix[3][2]         0.0000000000 
_pdbx_struct_oper_list.matrix[3][3]         1.0000000000 
_pdbx_struct_oper_list.vector[3]            0.0000000000 
# 
_struct_biol.id   1 
# 
loop_
_struct_conn.id 
_struct_conn.conn_type_id 
_struct_conn.pdbx_leaving_atom_flag 
_struct_conn.pdbx_PDB_id 
_struct_conn.ptnr1_label_asym_id 
_struct_conn.ptnr1_label_comp_id 
_struct_conn.ptnr1_label_seq_id 
_struct_conn.ptnr1_label_atom_id 
_struct_conn.pdbx_ptnr1_label_alt_id 
_struct_conn.pdbx_ptnr1_PDB_ins_code 
_struct_conn.pdbx_ptnr1_standard_comp_id 
_struct_conn.ptnr1_symmetry 
_struct_conn.ptnr2_label_asym_id 
_struct_conn.ptnr2_label_comp_id 
_struct_conn.ptnr2_label_seq_id 
_struct_conn.ptnr2_label_atom_id 
_struct_conn.pdbx_ptnr2_label_alt_id 
_struct_conn.pdbx_ptnr2_PDB_ins_code 
_struct_conn.ptnr1_auth_asym_id 
_struct_conn.ptnr1_auth_comp_id 
_struct_conn.ptnr1_auth_seq_id 
_struct_conn.ptnr2_auth_asym_id 
_struct_conn.ptnr2_auth_comp_id 
_struct_conn.ptnr2_auth_seq_id 
_struct_conn.ptnr2_symmetry 
_struct_conn.pdbx_ptnr3_label_atom_id 
_struct_conn.pdbx_ptnr3_label_seq_id 
_struct_conn.pdbx_ptnr3_label_comp_id 
_struct_conn.pdbx_ptnr3_label_asym_id 
_struct_conn.pdbx_ptnr3_label_alt_id 
_struct_conn.pdbx_ptnr3_PDB_ins_code 
_struct_conn.details 
_struct_conn.pdbx_dist_value 
_struct_conn.pdbx_value_order 
_struct_conn.pdbx_role 
metalc1  metalc ? ? A CYS 3  SG ? ? ? 1_555 C CD . CD ? ? A CYS 3  A CD 33 1_555 ? ? ? ? ? ? ? 2.551 ? ? 
metalc2  metalc ? ? A CYS 4  SG ? ? ? 1_555 C CD . CD ? ? A CYS 4  A CD 33 1_555 ? ? ? ? ? ? ? 2.531 ? ? 
metalc3  metalc ? ? A CYS 4  SG ? ? ? 1_555 E CD . CD ? ? A CYS 4  A CD 35 1_555 ? ? ? ? ? ? ? 2.520 ? ? 
metalc4  metalc ? ? A CYS 6  SG ? ? ? 1_555 E CD . CD ? ? A CYS 6  A CD 35 1_555 ? ? ? ? ? ? ? 2.530 ? ? 
metalc5  metalc ? ? A CYS 7  SG ? ? ? 1_555 D CD . CD ? ? A CYS 7  A CD 34 1_555 ? ? ? ? ? ? ? 2.523 ? ? 
metalc6  metalc ? ? A CYS 7  SG ? ? ? 1_555 E CD . CD ? ? A CYS 7  A CD 35 1_555 ? ? ? ? ? ? ? 2.533 ? ? 
metalc7  metalc ? ? A CYS 11 SG ? ? ? 1_555 D CD . CD ? ? A CYS 11 A CD 34 1_555 ? ? ? ? ? ? ? 2.574 ? ? 
metalc8  metalc ? ? A CYS 14 SG ? ? ? 1_555 C CD . CD ? ? A CYS 14 A CD 33 1_555 ? ? ? ? ? ? ? 2.564 ? ? 
metalc9  metalc ? ? A CYS 14 SG ? ? ? 1_555 D CD . CD ? ? A CYS 14 A CD 34 1_555 ? ? ? ? ? ? ? 2.580 ? ? 
metalc10 metalc ? ? A CYS 18 SG ? ? ? 1_555 C CD . CD ? ? A CYS 18 A CD 33 1_555 ? ? ? ? ? ? ? 2.517 ? ? 
metalc11 metalc ? ? A CYS 20 SG ? ? ? 1_555 B CD . CD ? ? A CYS 20 A CD 32 1_555 ? ? ? ? ? ? ? 2.520 ? ? 
metalc12 metalc ? ? A CYS 20 SG ? ? ? 1_555 E CD . CD ? ? A CYS 20 A CD 35 1_555 ? ? ? ? ? ? ? 2.489 ? ? 
metalc13 metalc ? ? A CYS 27 SG ? ? ? 1_555 B CD . CD ? ? A CYS 27 A CD 32 1_555 ? ? ? ? ? ? ? 2.522 ? ? 
metalc14 metalc ? ? A CYS 29 SG ? ? ? 1_555 B CD . CD ? ? A CYS 29 A CD 32 1_555 ? ? ? ? ? ? ? 2.529 ? ? 
metalc15 metalc ? ? A CYS 30 SG ? ? ? 1_555 B CD . CD ? ? A CYS 30 A CD 32 1_555 ? ? ? ? ? ? ? 2.537 ? ? 
metalc16 metalc ? ? A CYS 30 SG ? ? ? 1_555 D CD . CD ? ? A CYS 30 A CD 34 1_555 ? ? ? ? ? ? ? 2.546 ? ? 
# 
_struct_conn_type.id          metalc 
_struct_conn_type.criteria    ? 
_struct_conn_type.reference   ? 
# 
loop_
_pdbx_struct_conn_angle.id 
_pdbx_struct_conn_angle.ptnr1_label_atom_id 
_pdbx_struct_conn_angle.ptnr1_label_alt_id 
_pdbx_struct_conn_angle.ptnr1_label_asym_id 
_pdbx_struct_conn_angle.ptnr1_label_comp_id 
_pdbx_struct_conn_angle.ptnr1_label_seq_id 
_pdbx_struct_conn_angle.ptnr1_auth_atom_id 
_pdbx_struct_conn_angle.ptnr1_auth_asym_id 
_pdbx_struct_conn_angle.ptnr1_auth_comp_id 
_pdbx_struct_conn_angle.ptnr1_auth_seq_id 
_pdbx_struct_conn_angle.ptnr1_PDB_ins_code 
_pdbx_struct_conn_angle.ptnr1_symmetry 
_pdbx_struct_conn_angle.ptnr2_label_atom_id 
_pdbx_struct_conn_angle.ptnr2_label_alt_id 
_pdbx_struct_conn_angle.ptnr2_label_asym_id 
_pdbx_struct_conn_angle.ptnr2_label_comp_id 
_pdbx_struct_conn_angle.ptnr2_label_seq_id 
_pdbx_struct_conn_angle.ptnr2_auth_atom_id 
_pdbx_struct_conn_angle.ptnr2_auth_asym_id 
_pdbx_struct_conn_angle.ptnr2_auth_comp_id 
_pdbx_struct_conn_angle.ptnr2_auth_seq_id 
_pdbx_struct_conn_angle.ptnr2_PDB_ins_code 
_pdbx_struct_conn_angle.ptnr2_symmetry 
_pdbx_struct_conn_angle.ptnr3_label_atom_id 
_pdbx_struct_conn_angle.ptnr3_label_alt_id 
_pdbx_struct_conn_angle.ptnr3_label_asym_id 
_pdbx_struct_conn_angle.ptnr3_label_comp_id 
_pdbx_struct_conn_angle.ptnr3_label_seq_id 
_pdbx_struct_conn_angle.ptnr3_auth_atom_id 
_pdbx_struct_conn_angle.ptnr3_auth_asym_id 
_pdbx_struct_conn_angle.ptnr3_auth_comp_id 
_pdbx_struct_conn_angle.ptnr3_auth_seq_id 
_pdbx_struct_conn_angle.ptnr3_PDB_ins_code 
_pdbx_struct_conn_angle.ptnr3_symmetry 
_pdbx_struct_conn_angle.value 
_pdbx_struct_conn_angle.value_esd 
1  SG ? A CYS 3  ? A CYS 3  ? 1_555 CD ? C CD . ? A CD 33 ? 1_555 SG ? A CYS 4  ? A CYS 4  ? 1_555 112.7 ? 
2  SG ? A CYS 3  ? A CYS 3  ? 1_555 CD ? C CD . ? A CD 33 ? 1_555 SG ? A CYS 14 ? A CYS 14 ? 1_555 115.0 ? 
3  SG ? A CYS 4  ? A CYS 4  ? 1_555 CD ? C CD . ? A CD 33 ? 1_555 SG ? A CYS 14 ? A CYS 14 ? 1_555 120.1 ? 
4  SG ? A CYS 3  ? A CYS 3  ? 1_555 CD ? C CD . ? A CD 33 ? 1_555 SG ? A CYS 18 ? A CYS 18 ? 1_555 94.1  ? 
5  SG ? A CYS 4  ? A CYS 4  ? 1_555 CD ? C CD . ? A CD 33 ? 1_555 SG ? A CYS 18 ? A CYS 18 ? 1_555 100.6 ? 
6  SG ? A CYS 14 ? A CYS 14 ? 1_555 CD ? C CD . ? A CD 33 ? 1_555 SG ? A CYS 18 ? A CYS 18 ? 1_555 109.9 ? 
7  SG ? A CYS 4  ? A CYS 4  ? 1_555 CD ? E CD . ? A CD 35 ? 1_555 SG ? A CYS 6  ? A CYS 6  ? 1_555 105.5 ? 
8  SG ? A CYS 4  ? A CYS 4  ? 1_555 CD ? E CD . ? A CD 35 ? 1_555 SG ? A CYS 7  ? A CYS 7  ? 1_555 119.1 ? 
9  SG ? A CYS 6  ? A CYS 6  ? 1_555 CD ? E CD . ? A CD 35 ? 1_555 SG ? A CYS 7  ? A CYS 7  ? 1_555 121.4 ? 
10 SG ? A CYS 4  ? A CYS 4  ? 1_555 CD ? E CD . ? A CD 35 ? 1_555 SG ? A CYS 20 ? A CYS 20 ? 1_555 97.2  ? 
11 SG ? A CYS 6  ? A CYS 6  ? 1_555 CD ? E CD . ? A CD 35 ? 1_555 SG ? A CYS 20 ? A CYS 20 ? 1_555 99.7  ? 
12 SG ? A CYS 7  ? A CYS 7  ? 1_555 CD ? E CD . ? A CD 35 ? 1_555 SG ? A CYS 20 ? A CYS 20 ? 1_555 109.5 ? 
13 SG ? A CYS 7  ? A CYS 7  ? 1_555 CD ? D CD . ? A CD 34 ? 1_555 SG ? A CYS 11 ? A CYS 11 ? 1_555 100.7 ? 
14 SG ? A CYS 7  ? A CYS 7  ? 1_555 CD ? D CD . ? A CD 34 ? 1_555 SG ? A CYS 14 ? A CYS 14 ? 1_555 115.0 ? 
15 SG ? A CYS 11 ? A CYS 11 ? 1_555 CD ? D CD . ? A CD 34 ? 1_555 SG ? A CYS 14 ? A CYS 14 ? 1_555 121.4 ? 
16 SG ? A CYS 7  ? A CYS 7  ? 1_555 CD ? D CD . ? A CD 34 ? 1_555 SG ? A CYS 30 ? A CYS 30 ? 1_555 101.4 ? 
17 SG ? A CYS 11 ? A CYS 11 ? 1_555 CD ? D CD . ? A CD 34 ? 1_555 SG ? A CYS 30 ? A CYS 30 ? 1_555 102.7 ? 
18 SG ? A CYS 14 ? A CYS 14 ? 1_555 CD ? D CD . ? A CD 34 ? 1_555 SG ? A CYS 30 ? A CYS 30 ? 1_555 112.9 ? 
19 SG ? A CYS 20 ? A CYS 20 ? 1_555 CD ? B CD . ? A CD 32 ? 1_555 SG ? A CYS 27 ? A CYS 27 ? 1_555 95.5  ? 
20 SG ? A CYS 20 ? A CYS 20 ? 1_555 CD ? B CD . ? A CD 32 ? 1_555 SG ? A CYS 29 ? A CYS 29 ? 1_555 103.1 ? 
21 SG ? A CYS 27 ? A CYS 27 ? 1_555 CD ? B CD . ? A CD 32 ? 1_555 SG ? A CYS 29 ? A CYS 29 ? 1_555 115.5 ? 
22 SG ? A CYS 20 ? A CYS 20 ? 1_555 CD ? B CD . ? A CD 32 ? 1_555 SG ? A CYS 30 ? A CYS 30 ? 1_555 117.3 ? 
23 SG ? A CYS 27 ? A CYS 27 ? 1_555 CD ? B CD . ? A CD 32 ? 1_555 SG ? A CYS 30 ? A CYS 30 ? 1_555 112.6 ? 
24 SG ? A CYS 29 ? A CYS 29 ? 1_555 CD ? B CD . ? A CD 32 ? 1_555 SG ? A CYS 30 ? A CYS 30 ? 1_555 111.7 ? 
# 
loop_
_struct_site.id 
_struct_site.pdbx_evidence_code 
_struct_site.pdbx_auth_asym_id 
_struct_site.pdbx_auth_comp_id 
_struct_site.pdbx_auth_seq_id 
_struct_site.pdbx_auth_ins_code 
_struct_site.pdbx_num_residues 
_struct_site.details 
AC1 Software A CD 32 ? 4 'BINDING SITE FOR RESIDUE CD A 32' 
AC2 Software A CD 33 ? 4 'BINDING SITE FOR RESIDUE CD A 33' 
AC3 Software A CD 34 ? 4 'BINDING SITE FOR RESIDUE CD A 34' 
AC4 Software A CD 35 ? 4 'BINDING SITE FOR RESIDUE CD A 35' 
# 
loop_
_struct_site_gen.id 
_struct_site_gen.site_id 
_struct_site_gen.pdbx_num_res 
_struct_site_gen.label_comp_id 
_struct_site_gen.label_asym_id 
_struct_site_gen.label_seq_id 
_struct_site_gen.pdbx_auth_ins_code 
_struct_site_gen.auth_comp_id 
_struct_site_gen.auth_asym_id 
_struct_site_gen.auth_seq_id 
_struct_site_gen.label_atom_id 
_struct_site_gen.label_alt_id 
_struct_site_gen.symmetry 
_struct_site_gen.details 
1  AC1 4 CYS A 20 ? CYS A 20 . ? 1_555 ? 
2  AC1 4 CYS A 27 ? CYS A 27 . ? 1_555 ? 
3  AC1 4 CYS A 29 ? CYS A 29 . ? 1_555 ? 
4  AC1 4 CYS A 30 ? CYS A 30 . ? 1_555 ? 
5  AC2 4 CYS A 3  ? CYS A 3  . ? 1_555 ? 
6  AC2 4 CYS A 4  ? CYS A 4  . ? 1_555 ? 
7  AC2 4 CYS A 14 ? CYS A 14 . ? 1_555 ? 
8  AC2 4 CYS A 18 ? CYS A 18 . ? 1_555 ? 
9  AC3 4 CYS A 7  ? CYS A 7  . ? 1_555 ? 
10 AC3 4 CYS A 11 ? CYS A 11 . ? 1_555 ? 
11 AC3 4 CYS A 14 ? CYS A 14 . ? 1_555 ? 
12 AC3 4 CYS A 30 ? CYS A 30 . ? 1_555 ? 
13 AC4 4 CYS A 4  ? CYS A 4  . ? 1_555 ? 
14 AC4 4 CYS A 6  ? CYS A 6  . ? 1_555 ? 
15 AC4 4 CYS A 7  ? CYS A 7  . ? 1_555 ? 
16 AC4 4 CYS A 20 ? CYS A 20 . ? 1_555 ? 
# 
loop_
_pdbx_validate_rmsd_bond.id 
_pdbx_validate_rmsd_bond.PDB_model_num 
_pdbx_validate_rmsd_bond.auth_atom_id_1 
_pdbx_validate_rmsd_bond.auth_asym_id_1 
_pdbx_validate_rmsd_bond.auth_comp_id_1 
_pdbx_validate_rmsd_bond.auth_seq_id_1 
_pdbx_validate_rmsd_bond.PDB_ins_code_1 
_pdbx_validate_rmsd_bond.label_alt_id_1 
_pdbx_validate_rmsd_bond.auth_atom_id_2 
_pdbx_validate_rmsd_bond.auth_asym_id_2 
_pdbx_validate_rmsd_bond.auth_comp_id_2 
_pdbx_validate_rmsd_bond.auth_seq_id_2 
_pdbx_validate_rmsd_bond.PDB_ins_code_2 
_pdbx_validate_rmsd_bond.label_alt_id_2 
_pdbx_validate_rmsd_bond.bond_value 
_pdbx_validate_rmsd_bond.bond_target_value 
_pdbx_validate_rmsd_bond.bond_deviation 
_pdbx_validate_rmsd_bond.bond_standard_deviation 
_pdbx_validate_rmsd_bond.linker_flag 
1  1 N  A LYS 1  ? ? CA  A LYS 1  ? ? 1.619 1.459 0.160 0.020 N 
2  1 CA A LYS 1  ? ? CB  A LYS 1  ? ? 1.697 1.535 0.162 0.022 N 
3  1 N  A SER 2  ? ? CA  A SER 2  ? ? 1.625 1.459 0.166 0.020 N 
4  1 CA A SER 2  ? ? CB  A SER 2  ? ? 1.636 1.525 0.111 0.015 N 
5  1 C  A SER 2  ? ? N   A CYS 3  ? ? 1.479 1.336 0.143 0.023 Y 
6  1 N  A CYS 3  ? ? CA  A CYS 3  ? ? 1.641 1.459 0.182 0.020 N 
7  1 CA A CYS 3  ? ? CB  A CYS 3  ? ? 1.693 1.535 0.158 0.022 N 
8  1 N  A CYS 4  ? ? CA  A CYS 4  ? ? 1.616 1.459 0.157 0.020 N 
9  1 CA A CYS 4  ? ? CB  A CYS 4  ? ? 1.701 1.535 0.166 0.022 N 
10 1 N  A SER 5  ? ? CA  A SER 5  ? ? 1.633 1.459 0.174 0.020 N 
11 1 CA A SER 5  ? ? CB  A SER 5  ? ? 1.625 1.525 0.100 0.015 N 
12 1 CA A SER 5  ? ? C   A SER 5  ? ? 1.702 1.525 0.177 0.026 N 
13 1 N  A CYS 6  ? ? CA  A CYS 6  ? ? 1.638 1.459 0.179 0.020 N 
14 1 CA A CYS 6  ? ? CB  A CYS 6  ? ? 1.684 1.535 0.149 0.022 N 
15 1 N  A CYS 7  ? ? CA  A CYS 7  ? ? 1.614 1.459 0.155 0.020 N 
16 1 CA A CYS 7  ? ? CB  A CYS 7  ? ? 1.671 1.535 0.136 0.022 N 
17 1 C  A CYS 7  ? ? N   A PRO 8  ? ? 1.491 1.338 0.153 0.019 Y 
18 1 N  A PRO 8  ? ? CA  A PRO 8  ? ? 1.609 1.468 0.141 0.017 N 
19 1 CD A PRO 8  ? ? N   A PRO 8  ? ? 1.563 1.474 0.089 0.014 N 
20 1 CA A PRO 8  ? ? C   A PRO 8  ? ? 1.694 1.524 0.170 0.020 N 
21 1 C  A PRO 8  ? ? N   A VAL 9  ? ? 1.476 1.336 0.140 0.023 Y 
22 1 N  A VAL 9  ? ? CA  A VAL 9  ? ? 1.651 1.459 0.192 0.020 N 
23 1 CA A VAL 9  ? ? CB  A VAL 9  ? ? 1.719 1.543 0.176 0.021 N 
24 1 N  A GLY 10 ? ? CA  A GLY 10 ? ? 1.583 1.456 0.127 0.015 N 
25 1 CA A GLY 10 ? ? C   A GLY 10 ? ? 1.656 1.514 0.142 0.016 N 
26 1 N  A CYS 11 ? ? CA  A CYS 11 ? ? 1.668 1.459 0.209 0.020 N 
27 1 CA A CYS 11 ? ? CB  A CYS 11 ? ? 1.699 1.535 0.164 0.022 N 
28 1 CA A CYS 11 ? ? C   A CYS 11 ? ? 1.704 1.525 0.179 0.026 N 
29 1 N  A SER 12 ? ? CA  A SER 12 ? ? 1.626 1.459 0.167 0.020 N 
30 1 CA A SER 12 ? ? CB  A SER 12 ? ? 1.629 1.525 0.104 0.015 N 
31 1 N  A LYS 13 ? ? CA  A LYS 13 ? ? 1.613 1.459 0.154 0.020 N 
32 1 N  A CYS 14 ? ? CA  A CYS 14 ? ? 1.610 1.459 0.151 0.020 N 
33 1 CA A CYS 14 ? ? CB  A CYS 14 ? ? 1.682 1.535 0.147 0.022 N 
34 1 CA A CYS 14 ? ? C   A CYS 14 ? ? 1.700 1.525 0.175 0.026 N 
35 1 N  A ALA 15 ? ? CA  A ALA 15 ? ? 1.655 1.459 0.196 0.020 N 
36 1 N  A GLN 16 ? ? CA  A GLN 16 ? ? 1.631 1.459 0.172 0.020 N 
37 1 N  A GLY 17 ? ? CA  A GLY 17 ? ? 1.602 1.456 0.146 0.015 N 
38 1 CA A GLY 17 ? ? C   A GLY 17 ? ? 1.612 1.514 0.098 0.016 N 
39 1 N  A CYS 18 ? ? CA  A CYS 18 ? ? 1.645 1.459 0.186 0.020 N 
40 1 CA A CYS 18 ? ? CB  A CYS 18 ? ? 1.676 1.535 0.141 0.022 N 
41 1 CA A CYS 18 ? ? C   A CYS 18 ? ? 1.691 1.525 0.166 0.026 N 
42 1 N  A VAL 19 ? ? CA  A VAL 19 ? ? 1.627 1.459 0.168 0.020 N 
43 1 CA A VAL 19 ? ? CB  A VAL 19 ? ? 1.730 1.543 0.187 0.021 N 
44 1 CB A VAL 19 ? ? CG1 A VAL 19 ? ? 1.672 1.524 0.148 0.021 N 
45 1 CA A VAL 19 ? ? C   A VAL 19 ? ? 1.682 1.525 0.157 0.026 N 
46 1 N  A CYS 20 ? ? CA  A CYS 20 ? ? 1.620 1.459 0.161 0.020 N 
47 1 CA A CYS 20 ? ? CB  A CYS 20 ? ? 1.684 1.535 0.149 0.022 N 
48 1 N  A LYS 21 ? ? CA  A LYS 21 ? ? 1.636 1.459 0.177 0.020 N 
49 1 CD A LYS 21 ? ? CE  A LYS 21 ? ? 1.666 1.508 0.158 0.025 N 
50 1 N  A GLY 22 ? ? CA  A GLY 22 ? ? 1.618 1.456 0.162 0.015 N 
51 1 CA A GLY 22 ? ? C   A GLY 22 ? ? 1.666 1.514 0.152 0.016 N 
52 1 C  A GLY 22 ? ? N   A ALA 23 ? ? 1.478 1.336 0.142 0.023 Y 
53 1 N  A ALA 23 ? ? CA  A ALA 23 ? ? 1.628 1.459 0.169 0.020 N 
54 1 N  A ALA 24 ? ? CA  A ALA 24 ? ? 1.646 1.459 0.187 0.020 N 
55 1 N  A ASP 25 ? ? CA  A ASP 25 ? ? 1.642 1.459 0.183 0.020 N 
56 1 CA A ASP 25 ? ? CB  A ASP 25 ? ? 1.676 1.535 0.141 0.022 N 
57 1 N  A LYS 26 ? ? CA  A LYS 26 ? ? 1.644 1.459 0.185 0.020 N 
58 1 CA A LYS 26 ? ? CB  A LYS 26 ? ? 1.685 1.535 0.150 0.022 N 
59 1 N  A CYS 27 ? ? CA  A CYS 27 ? ? 1.624 1.459 0.165 0.020 N 
60 1 N  A THR 28 ? ? CA  A THR 28 ? ? 1.625 1.459 0.166 0.020 N 
61 1 CA A THR 28 ? ? CB  A THR 28 ? ? 1.699 1.529 0.170 0.026 N 
62 1 CA A THR 28 ? ? C   A THR 28 ? ? 1.691 1.525 0.166 0.026 N 
63 1 N  A CYS 29 ? ? CA  A CYS 29 ? ? 1.637 1.459 0.178 0.020 N 
64 1 N  A CYS 30 ? ? CA  A CYS 30 ? ? 1.610 1.459 0.151 0.020 N 
65 1 CA A CYS 30 ? ? CB  A CYS 30 ? ? 1.685 1.535 0.150 0.022 N 
66 1 N  A ALA 31 ? ? CA  A ALA 31 ? ? 1.622 1.459 0.163 0.020 N 
# 
loop_
_pdbx_validate_rmsd_angle.id 
_pdbx_validate_rmsd_angle.PDB_model_num 
_pdbx_validate_rmsd_angle.auth_atom_id_1 
_pdbx_validate_rmsd_angle.auth_asym_id_1 
_pdbx_validate_rmsd_angle.auth_comp_id_1 
_pdbx_validate_rmsd_angle.auth_seq_id_1 
_pdbx_validate_rmsd_angle.PDB_ins_code_1 
_pdbx_validate_rmsd_angle.label_alt_id_1 
_pdbx_validate_rmsd_angle.auth_atom_id_2 
_pdbx_validate_rmsd_angle.auth_asym_id_2 
_pdbx_validate_rmsd_angle.auth_comp_id_2 
_pdbx_validate_rmsd_angle.auth_seq_id_2 
_pdbx_validate_rmsd_angle.PDB_ins_code_2 
_pdbx_validate_rmsd_angle.label_alt_id_2 
_pdbx_validate_rmsd_angle.auth_atom_id_3 
_pdbx_validate_rmsd_angle.auth_asym_id_3 
_pdbx_validate_rmsd_angle.auth_comp_id_3 
_pdbx_validate_rmsd_angle.auth_seq_id_3 
_pdbx_validate_rmsd_angle.PDB_ins_code_3 
_pdbx_validate_rmsd_angle.label_alt_id_3 
_pdbx_validate_rmsd_angle.angle_value 
_pdbx_validate_rmsd_angle.angle_target_value 
_pdbx_validate_rmsd_angle.angle_deviation 
_pdbx_validate_rmsd_angle.angle_standard_deviation 
_pdbx_validate_rmsd_angle.linker_flag 
1 1 CA A CYS 3  ? ? CB A CYS 3  ? ? SG A CYS 3  ? ? 120.90 114.20 6.70 1.10 N 
2 1 CA A CYS 6  ? ? CB A CYS 6  ? ? SG A CYS 6  ? ? 121.53 114.20 7.33 1.10 N 
3 1 CA A CYS 27 ? ? CB A CYS 27 ? ? SG A CYS 27 ? ? 121.88 114.20 7.68 1.10 N 
# 
loop_
_pdbx_validate_torsion.id 
_pdbx_validate_torsion.PDB_model_num 
_pdbx_validate_torsion.auth_comp_id 
_pdbx_validate_torsion.auth_asym_id 
_pdbx_validate_torsion.auth_seq_id 
_pdbx_validate_torsion.PDB_ins_code 
_pdbx_validate_torsion.label_alt_id 
_pdbx_validate_torsion.phi 
_pdbx_validate_torsion.psi 
1 1 SER A 2  ? ? -119.00 -92.99 
2 1 CYS A 3  ? ? -145.51 -45.26 
3 1 PRO A 8  ? ? -85.59  38.59  
4 1 VAL A 9  ? ? 70.59   -64.17 
5 1 CYS A 11 ? ? -49.28  171.01 
6 1 ALA A 23 ? ? 72.73   -48.03 
7 1 ASP A 25 ? ? -135.90 -64.83 
# 
_pdbx_nmr_ensemble.entry_id                                      1DFS 
_pdbx_nmr_ensemble.conformers_calculated_total_number            50 
_pdbx_nmr_ensemble.conformers_submitted_total_number             1 
_pdbx_nmr_ensemble.conformer_selection_criteria                  'MINIMIZED AVERAGE STRUCTURE' 
_pdbx_nmr_ensemble.average_constraints_per_residue               ? 
_pdbx_nmr_ensemble.average_constraint_violations_per_residue     ? 
_pdbx_nmr_ensemble.maximum_distance_constraint_violation         ? 
_pdbx_nmr_ensemble.average_distance_constraint_violation         ? 
_pdbx_nmr_ensemble.maximum_upper_distance_constraint_violation   ? 
_pdbx_nmr_ensemble.maximum_lower_distance_constraint_violation   ? 
_pdbx_nmr_ensemble.distance_constraint_violation_method          ? 
_pdbx_nmr_ensemble.maximum_torsion_angle_constraint_violation    ? 
_pdbx_nmr_ensemble.average_torsion_angle_constraint_violation    ? 
_pdbx_nmr_ensemble.torsion_angle_constraint_violation_method     ? 
# 
_pdbx_nmr_representative.entry_id             1DFS 
_pdbx_nmr_representative.conformer_id         ? 
_pdbx_nmr_representative.selection_criteria   'minimized average structure' 
# 
_pdbx_nmr_sample_details.solution_id      1 
_pdbx_nmr_sample_details.contents         '0.7MM MOUSE-METALLOTHIONEIN-1, NATURAL ABUNDANCE, 15MM PHOSPHATE BUFFER NA' 
_pdbx_nmr_sample_details.solvent_system   ? 
# 
loop_
_pdbx_nmr_exptl_sample_conditions.conditions_id 
_pdbx_nmr_exptl_sample_conditions.temperature 
_pdbx_nmr_exptl_sample_conditions.pressure 
_pdbx_nmr_exptl_sample_conditions.pH 
_pdbx_nmr_exptl_sample_conditions.ionic_strength 
_pdbx_nmr_exptl_sample_conditions.pressure_units 
_pdbx_nmr_exptl_sample_conditions.temperature_units 
1 283 AMBIENT 6.5 15mMKPI ? K 
2 298 AMBIENT 6.5 15mMKPI ? K 
# 
loop_
_pdbx_nmr_exptl.experiment_id 
_pdbx_nmr_exptl.conditions_id 
_pdbx_nmr_exptl.type 
_pdbx_nmr_exptl.solution_id 
1 1 '2D NOESY'            1 
2 1 '2D TOCSY'            1 
3 2 'ACCORDION CD-H HSQC' 1 
# 
_pdbx_nmr_details.entry_id   1DFS 
_pdbx_nmr_details.text       'THIS STRUCTURE WAS DETERMINED USING STANDARD 2D HOMONUCLEAR TECHNIQUES AND AN ACCORDION CD-H HSQC' 
# 
_pdbx_nmr_refine.entry_id           1DFS 
_pdbx_nmr_refine.method             'HYBRID DISTANCE GEOMETRY-DYNAMICAL SIMULATED ANNEALING' 
_pdbx_nmr_refine.details            'A TOTAL OF 278 NOE-DERIVED DISTANCE CONSTRAINTS AND 16 CD-S CONNECTIVITIES' 
_pdbx_nmr_refine.software_ordinal   1 
# 
loop_
_pdbx_nmr_software.classification 
_pdbx_nmr_software.name 
_pdbx_nmr_software.version 
_pdbx_nmr_software.authors 
_pdbx_nmr_software.ordinal 
'data analysis'      VNMR   6.1A  VARIAN  1 
'structure solution' X-PLOR 3.851 BRUNGER 2 
refinement           X-PLOR 3.851 BRUNGER 3 
# 
loop_
_chem_comp_atom.comp_id 
_chem_comp_atom.atom_id 
_chem_comp_atom.type_symbol 
_chem_comp_atom.pdbx_aromatic_flag 
_chem_comp_atom.pdbx_stereo_config 
_chem_comp_atom.pdbx_ordinal 
ALA N    N  N N 1   
ALA CA   C  N S 2   
ALA C    C  N N 3   
ALA O    O  N N 4   
ALA CB   C  N N 5   
ALA OXT  O  N N 6   
ALA H    H  N N 7   
ALA H2   H  N N 8   
ALA HA   H  N N 9   
ALA HB1  H  N N 10  
ALA HB2  H  N N 11  
ALA HB3  H  N N 12  
ALA HXT  H  N N 13  
ASP N    N  N N 14  
ASP CA   C  N S 15  
ASP C    C  N N 16  
ASP O    O  N N 17  
ASP CB   C  N N 18  
ASP CG   C  N N 19  
ASP OD1  O  N N 20  
ASP OD2  O  N N 21  
ASP OXT  O  N N 22  
ASP H    H  N N 23  
ASP H2   H  N N 24  
ASP HA   H  N N 25  
ASP HB2  H  N N 26  
ASP HB3  H  N N 27  
ASP HD2  H  N N 28  
ASP HXT  H  N N 29  
CD  CD   CD N N 30  
CYS N    N  N N 31  
CYS CA   C  N R 32  
CYS C    C  N N 33  
CYS O    O  N N 34  
CYS CB   C  N N 35  
CYS SG   S  N N 36  
CYS OXT  O  N N 37  
CYS H    H  N N 38  
CYS H2   H  N N 39  
CYS HA   H  N N 40  
CYS HB2  H  N N 41  
CYS HB3  H  N N 42  
CYS HG   H  N N 43  
CYS HXT  H  N N 44  
GLN N    N  N N 45  
GLN CA   C  N S 46  
GLN C    C  N N 47  
GLN O    O  N N 48  
GLN CB   C  N N 49  
GLN CG   C  N N 50  
GLN CD   C  N N 51  
GLN OE1  O  N N 52  
GLN NE2  N  N N 53  
GLN OXT  O  N N 54  
GLN H    H  N N 55  
GLN H2   H  N N 56  
GLN HA   H  N N 57  
GLN HB2  H  N N 58  
GLN HB3  H  N N 59  
GLN HG2  H  N N 60  
GLN HG3  H  N N 61  
GLN HE21 H  N N 62  
GLN HE22 H  N N 63  
GLN HXT  H  N N 64  
GLY N    N  N N 65  
GLY CA   C  N N 66  
GLY C    C  N N 67  
GLY O    O  N N 68  
GLY OXT  O  N N 69  
GLY H    H  N N 70  
GLY H2   H  N N 71  
GLY HA2  H  N N 72  
GLY HA3  H  N N 73  
GLY HXT  H  N N 74  
LYS N    N  N N 75  
LYS CA   C  N S 76  
LYS C    C  N N 77  
LYS O    O  N N 78  
LYS CB   C  N N 79  
LYS CG   C  N N 80  
LYS CD   C  N N 81  
LYS CE   C  N N 82  
LYS NZ   N  N N 83  
LYS OXT  O  N N 84  
LYS H    H  N N 85  
LYS H2   H  N N 86  
LYS HA   H  N N 87  
LYS HB2  H  N N 88  
LYS HB3  H  N N 89  
LYS HG2  H  N N 90  
LYS HG3  H  N N 91  
LYS HD2  H  N N 92  
LYS HD3  H  N N 93  
LYS HE2  H  N N 94  
LYS HE3  H  N N 95  
LYS HZ1  H  N N 96  
LYS HZ2  H  N N 97  
LYS HZ3  H  N N 98  
LYS HXT  H  N N 99  
PRO N    N  N N 100 
PRO CA   C  N S 101 
PRO C    C  N N 102 
PRO O    O  N N 103 
PRO CB   C  N N 104 
PRO CG   C  N N 105 
PRO CD   C  N N 106 
PRO OXT  O  N N 107 
PRO H    H  N N 108 
PRO HA   H  N N 109 
PRO HB2  H  N N 110 
PRO HB3  H  N N 111 
PRO HG2  H  N N 112 
PRO HG3  H  N N 113 
PRO HD2  H  N N 114 
PRO HD3  H  N N 115 
PRO HXT  H  N N 116 
SER N    N  N N 117 
SER CA   C  N S 118 
SER C    C  N N 119 
SER O    O  N N 120 
SER CB   C  N N 121 
SER OG   O  N N 122 
SER OXT  O  N N 123 
SER H    H  N N 124 
SER H2   H  N N 125 
SER HA   H  N N 126 
SER HB2  H  N N 127 
SER HB3  H  N N 128 
SER HG   H  N N 129 
SER HXT  H  N N 130 
THR N    N  N N 131 
THR CA   C  N S 132 
THR C    C  N N 133 
THR O    O  N N 134 
THR CB   C  N R 135 
THR OG1  O  N N 136 
THR CG2  C  N N 137 
THR OXT  O  N N 138 
THR H    H  N N 139 
THR H2   H  N N 140 
THR HA   H  N N 141 
THR HB   H  N N 142 
THR HG1  H  N N 143 
THR HG21 H  N N 144 
THR HG22 H  N N 145 
THR HG23 H  N N 146 
THR HXT  H  N N 147 
VAL N    N  N N 148 
VAL CA   C  N S 149 
VAL C    C  N N 150 
VAL O    O  N N 151 
VAL CB   C  N N 152 
VAL CG1  C  N N 153 
VAL CG2  C  N N 154 
VAL OXT  O  N N 155 
VAL H    H  N N 156 
VAL H2   H  N N 157 
VAL HA   H  N N 158 
VAL HB   H  N N 159 
VAL HG11 H  N N 160 
VAL HG12 H  N N 161 
VAL HG13 H  N N 162 
VAL HG21 H  N N 163 
VAL HG22 H  N N 164 
VAL HG23 H  N N 165 
VAL HXT  H  N N 166 
# 
loop_
_chem_comp_bond.comp_id 
_chem_comp_bond.atom_id_1 
_chem_comp_bond.atom_id_2 
_chem_comp_bond.value_order 
_chem_comp_bond.pdbx_aromatic_flag 
_chem_comp_bond.pdbx_stereo_config 
_chem_comp_bond.pdbx_ordinal 
ALA N   CA   sing N N 1   
ALA N   H    sing N N 2   
ALA N   H2   sing N N 3   
ALA CA  C    sing N N 4   
ALA CA  CB   sing N N 5   
ALA CA  HA   sing N N 6   
ALA C   O    doub N N 7   
ALA C   OXT  sing N N 8   
ALA CB  HB1  sing N N 9   
ALA CB  HB2  sing N N 10  
ALA CB  HB3  sing N N 11  
ALA OXT HXT  sing N N 12  
ASP N   CA   sing N N 13  
ASP N   H    sing N N 14  
ASP N   H2   sing N N 15  
ASP CA  C    sing N N 16  
ASP CA  CB   sing N N 17  
ASP CA  HA   sing N N 18  
ASP C   O    doub N N 19  
ASP C   OXT  sing N N 20  
ASP CB  CG   sing N N 21  
ASP CB  HB2  sing N N 22  
ASP CB  HB3  sing N N 23  
ASP CG  OD1  doub N N 24  
ASP CG  OD2  sing N N 25  
ASP OD2 HD2  sing N N 26  
ASP OXT HXT  sing N N 27  
CYS N   CA   sing N N 28  
CYS N   H    sing N N 29  
CYS N   H2   sing N N 30  
CYS CA  C    sing N N 31  
CYS CA  CB   sing N N 32  
CYS CA  HA   sing N N 33  
CYS C   O    doub N N 34  
CYS C   OXT  sing N N 35  
CYS CB  SG   sing N N 36  
CYS CB  HB2  sing N N 37  
CYS CB  HB3  sing N N 38  
CYS SG  HG   sing N N 39  
CYS OXT HXT  sing N N 40  
GLN N   CA   sing N N 41  
GLN N   H    sing N N 42  
GLN N   H2   sing N N 43  
GLN CA  C    sing N N 44  
GLN CA  CB   sing N N 45  
GLN CA  HA   sing N N 46  
GLN C   O    doub N N 47  
GLN C   OXT  sing N N 48  
GLN CB  CG   sing N N 49  
GLN CB  HB2  sing N N 50  
GLN CB  HB3  sing N N 51  
GLN CG  CD   sing N N 52  
GLN CG  HG2  sing N N 53  
GLN CG  HG3  sing N N 54  
GLN CD  OE1  doub N N 55  
GLN CD  NE2  sing N N 56  
GLN NE2 HE21 sing N N 57  
GLN NE2 HE22 sing N N 58  
GLN OXT HXT  sing N N 59  
GLY N   CA   sing N N 60  
GLY N   H    sing N N 61  
GLY N   H2   sing N N 62  
GLY CA  C    sing N N 63  
GLY CA  HA2  sing N N 64  
GLY CA  HA3  sing N N 65  
GLY C   O    doub N N 66  
GLY C   OXT  sing N N 67  
GLY OXT HXT  sing N N 68  
LYS N   CA   sing N N 69  
LYS N   H    sing N N 70  
LYS N   H2   sing N N 71  
LYS CA  C    sing N N 72  
LYS CA  CB   sing N N 73  
LYS CA  HA   sing N N 74  
LYS C   O    doub N N 75  
LYS C   OXT  sing N N 76  
LYS CB  CG   sing N N 77  
LYS CB  HB2  sing N N 78  
LYS CB  HB3  sing N N 79  
LYS CG  CD   sing N N 80  
LYS CG  HG2  sing N N 81  
LYS CG  HG3  sing N N 82  
LYS CD  CE   sing N N 83  
LYS CD  HD2  sing N N 84  
LYS CD  HD3  sing N N 85  
LYS CE  NZ   sing N N 86  
LYS CE  HE2  sing N N 87  
LYS CE  HE3  sing N N 88  
LYS NZ  HZ1  sing N N 89  
LYS NZ  HZ2  sing N N 90  
LYS NZ  HZ3  sing N N 91  
LYS OXT HXT  sing N N 92  
PRO N   CA   sing N N 93  
PRO N   CD   sing N N 94  
PRO N   H    sing N N 95  
PRO CA  C    sing N N 96  
PRO CA  CB   sing N N 97  
PRO CA  HA   sing N N 98  
PRO C   O    doub N N 99  
PRO C   OXT  sing N N 100 
PRO CB  CG   sing N N 101 
PRO CB  HB2  sing N N 102 
PRO CB  HB3  sing N N 103 
PRO CG  CD   sing N N 104 
PRO CG  HG2  sing N N 105 
PRO CG  HG3  sing N N 106 
PRO CD  HD2  sing N N 107 
PRO CD  HD3  sing N N 108 
PRO OXT HXT  sing N N 109 
SER N   CA   sing N N 110 
SER N   H    sing N N 111 
SER N   H2   sing N N 112 
SER CA  C    sing N N 113 
SER CA  CB   sing N N 114 
SER CA  HA   sing N N 115 
SER C   O    doub N N 116 
SER C   OXT  sing N N 117 
SER CB  OG   sing N N 118 
SER CB  HB2  sing N N 119 
SER CB  HB3  sing N N 120 
SER OG  HG   sing N N 121 
SER OXT HXT  sing N N 122 
THR N   CA   sing N N 123 
THR N   H    sing N N 124 
THR N   H2   sing N N 125 
THR CA  C    sing N N 126 
THR CA  CB   sing N N 127 
THR CA  HA   sing N N 128 
THR C   O    doub N N 129 
THR C   OXT  sing N N 130 
THR CB  OG1  sing N N 131 
THR CB  CG2  sing N N 132 
THR CB  HB   sing N N 133 
THR OG1 HG1  sing N N 134 
THR CG2 HG21 sing N N 135 
THR CG2 HG22 sing N N 136 
THR CG2 HG23 sing N N 137 
THR OXT HXT  sing N N 138 
VAL N   CA   sing N N 139 
VAL N   H    sing N N 140 
VAL N   H2   sing N N 141 
VAL CA  C    sing N N 142 
VAL CA  CB   sing N N 143 
VAL CA  HA   sing N N 144 
VAL C   O    doub N N 145 
VAL C   OXT  sing N N 146 
VAL CB  CG1  sing N N 147 
VAL CB  CG2  sing N N 148 
VAL CB  HB   sing N N 149 
VAL CG1 HG11 sing N N 150 
VAL CG1 HG12 sing N N 151 
VAL CG1 HG13 sing N N 152 
VAL CG2 HG21 sing N N 153 
VAL CG2 HG22 sing N N 154 
VAL CG2 HG23 sing N N 155 
VAL OXT HXT  sing N N 156 
# 
loop_
_pdbx_nmr_spectrometer.spectrometer_id 
_pdbx_nmr_spectrometer.model 
_pdbx_nmr_spectrometer.manufacturer 
_pdbx_nmr_spectrometer.field_strength 
_pdbx_nmr_spectrometer.type 
1 'UNITY INOVA' Varian 800 ? 
2 'UNITY INOVA' Varian 600 ? 
# 
_atom_sites.entry_id                    1DFS 
_atom_sites.fract_transf_matrix[1][1]   1.000000 
_atom_sites.fract_transf_matrix[1][2]   0.000000 
_atom_sites.fract_transf_matrix[1][3]   0.000000 
_atom_sites.fract_transf_matrix[2][1]   0.000000 
_atom_sites.fract_transf_matrix[2][2]   1.000000 
_atom_sites.fract_transf_matrix[2][3]   0.000000 
_atom_sites.fract_transf_matrix[3][1]   0.000000 
_atom_sites.fract_transf_matrix[3][2]   0.000000 
_atom_sites.fract_transf_matrix[3][3]   1.000000 
_atom_sites.fract_transf_vector[1]      0.00000 
_atom_sites.fract_transf_vector[2]      0.00000 
_atom_sites.fract_transf_vector[3]      0.00000 
# 
loop_
_atom_type.symbol 
C  
CD 
H  
N  
O  
S  
# 
loop_
_atom_site.group_PDB 
_atom_site.id 
_atom_site.type_symbol 
_atom_site.label_atom_id 
_atom_site.label_alt_id 
_atom_site.label_comp_id 
_atom_site.label_asym_id 
_atom_site.label_entity_id 
_atom_site.label_seq_id 
_atom_site.pdbx_PDB_ins_code 
_atom_site.Cartn_x 
_atom_site.Cartn_y 
_atom_site.Cartn_z 
_atom_site.occupancy 
_atom_site.B_iso_or_equiv 
_atom_site.pdbx_formal_charge 
_atom_site.auth_seq_id 
_atom_site.auth_comp_id 
_atom_site.auth_asym_id 
_atom_site.auth_atom_id 
_atom_site.pdbx_PDB_model_num 
ATOM   1   N  N    . LYS A 1 1  ? -5.091 -5.709  -11.832 1.00 3.40 ? 1  LYS A N    1 
ATOM   2   C  CA   . LYS A 1 1  ? -4.672 -4.566  -10.764 1.00 2.57 ? 1  LYS A CA   1 
ATOM   3   C  C    . LYS A 1 1  ? -5.126 -4.896  -9.190  1.00 1.62 ? 1  LYS A C    1 
ATOM   4   O  O    . LYS A 1 1  ? -5.982 -5.789  -8.987  1.00 2.23 ? 1  LYS A O    1 
ATOM   5   C  CB   . LYS A 1 1  ? -5.266 -3.055  -11.256 1.00 3.26 ? 1  LYS A CB   1 
ATOM   6   C  CG   . LYS A 1 1  ? -4.464 -2.334  -12.498 1.00 4.14 ? 1  LYS A CG   1 
ATOM   7   C  CD   . LYS A 1 1  ? -4.976 -0.824  -12.935 1.00 4.99 ? 1  LYS A CD   1 
ATOM   8   C  CE   . LYS A 1 1  ? -6.446 -0.762  -13.688 1.00 5.84 ? 1  LYS A CE   1 
ATOM   9   N  NZ   . LYS A 1 1  ? -6.906 0.695   -14.013 1.00 6.55 ? 1  LYS A NZ   1 
ATOM   10  H  H1   . LYS A 1 1  ? -4.716 -6.646  -11.541 1.00 3.79 ? 1  LYS A H1   1 
ATOM   11  H  H2   . LYS A 1 1  ? -4.689 -5.499  -12.776 1.00 3.87 ? 1  LYS A H2   1 
ATOM   12  H  H3   . LYS A 1 1  ? -6.145 -5.790  -11.923 1.00 3.64 ? 1  LYS A H3   1 
ATOM   13  H  HA   . LYS A 1 1  ? -3.577 -4.544  -10.768 1.00 2.85 ? 1  LYS A HA   1 
ATOM   14  H  HB2  . LYS A 1 1  ? -6.302 -3.172  -11.544 1.00 3.61 ? 1  LYS A HB2  1 
ATOM   15  H  HB3  . LYS A 1 1  ? -5.246 -2.360  -10.410 1.00 3.39 ? 1  LYS A HB3  1 
ATOM   16  H  HG2  . LYS A 1 1  ? -3.420 -2.235  -12.204 1.00 4.42 ? 1  LYS A HG2  1 
ATOM   17  H  HG3  . LYS A 1 1  ? -4.497 -2.988  -13.367 1.00 4.35 ? 1  LYS A HG3  1 
ATOM   18  H  HD2  . LYS A 1 1  ? -4.991 -0.174  -12.058 1.00 5.17 ? 1  LYS A HD2  1 
ATOM   19  H  HD3  . LYS A 1 1  ? -4.237 -0.419  -13.614 1.00 5.24 ? 1  LYS A HD3  1 
ATOM   20  H  HE2  . LYS A 1 1  ? -6.388 -1.314  -14.617 1.00 6.16 ? 1  LYS A HE2  1 
ATOM   21  H  HE3  . LYS A 1 1  ? -7.204 -1.227  -13.052 1.00 5.95 ? 1  LYS A HE3  1 
ATOM   22  H  HZ1  . LYS A 1 1  ? -7.003 1.275   -13.144 1.00 6.68 ? 1  LYS A HZ1  1 
ATOM   23  H  HZ2  . LYS A 1 1  ? -7.850 0.656   -14.473 1.00 6.97 ? 1  LYS A HZ2  1 
ATOM   24  H  HZ3  . LYS A 1 1  ? -6.253 1.167   -14.678 1.00 6.79 ? 1  LYS A HZ3  1 
ATOM   25  N  N    . SER A 1 2  ? -4.534 -4.129  -8.086  1.00 0.89 ? 2  SER A N    1 
ATOM   26  C  CA   . SER A 1 2  ? -4.873 -4.299  -6.506  1.00 1.10 ? 2  SER A CA   1 
ATOM   27  C  C    . SER A 1 2  ? -5.503 -2.887  -5.848  1.00 1.02 ? 2  SER A C    1 
ATOM   28  O  O    . SER A 1 2  ? -6.750 -2.777  -5.881  1.00 1.92 ? 2  SER A O    1 
ATOM   29  C  CB   . SER A 1 2  ? -3.555 -4.927  -5.769  1.00 1.88 ? 2  SER A CB   1 
ATOM   30  O  OG   . SER A 1 2  ? -3.859 -5.338  -4.394  1.00 2.90 ? 2  SER A OG   1 
ATOM   31  H  H    . SER A 1 2  ? -3.863 -3.417  -8.326  1.00 1.41 ? 2  SER A H    1 
ATOM   32  H  HA   . SER A 1 2  ? -5.667 -5.067  -6.400  1.00 1.93 ? 2  SER A HA   1 
ATOM   33  H  HB2  . SER A 1 2  ? -3.212 -5.801  -6.300  1.00 2.22 ? 2  SER A HB2  1 
ATOM   34  H  HB3  . SER A 1 2  ? -2.756 -4.186  -5.770  1.00 2.16 ? 2  SER A HB3  1 
ATOM   35  H  HG   . SER A 1 2  ? -3.048 -5.568  -3.918  1.00 3.33 ? 2  SER A HG   1 
ATOM   36  N  N    . CYS A 1 3  ? -4.687 -1.848  -5.183  1.00 0.64 ? 3  CYS A N    1 
ATOM   37  C  CA   . CYS A 1 3  ? -5.232 -0.501  -4.421  1.00 0.46 ? 3  CYS A CA   1 
ATOM   38  C  C    . CYS A 1 3  ? -4.279 0.872   -4.535  1.00 0.60 ? 3  CYS A C    1 
ATOM   39  O  O    . CYS A 1 3  ? -4.858 1.974   -4.653  1.00 1.07 ? 3  CYS A O    1 
ATOM   40  C  CB   . CYS A 1 3  ? -5.525 -0.907  -2.803  1.00 0.62 ? 3  CYS A CB   1 
ATOM   41  S  SG   . CYS A 1 3  ? -4.117 -1.523  -1.679  1.00 0.52 ? 3  CYS A SG   1 
ATOM   42  H  H    . CYS A 1 3  ? -3.723 -1.990  -5.118  1.00 1.26 ? 3  CYS A H    1 
ATOM   43  H  HA   . CYS A 1 3  ? -6.216 -0.241  -4.843  1.00 0.44 ? 3  CYS A HA   1 
ATOM   44  H  HB2  . CYS A 1 3  ? -5.959 -0.063  -2.299  1.00 0.81 ? 3  CYS A HB2  1 
ATOM   45  H  HB3  . CYS A 1 3  ? -6.284 -1.678  -2.810  1.00 0.82 ? 3  CYS A HB3  1 
ATOM   46  H  HG   . CYS A 1 3  ? -4.138 -2.485  -1.661  1.00 1.05 ? 3  CYS A HG   1 
ATOM   47  N  N    . CYS A 1 4  ? -2.855 0.760   -4.334  1.00 0.47 ? 4  CYS A N    1 
ATOM   48  C  CA   . CYS A 1 4  ? -1.807 1.981   -4.183  1.00 0.62 ? 4  CYS A CA   1 
ATOM   49  C  C    . CYS A 1 4  ? -0.811 2.270   -5.469  1.00 0.46 ? 4  CYS A C    1 
ATOM   50  O  O    . CYS A 1 4  ? -0.366 1.308   -6.143  1.00 1.36 ? 4  CYS A O    1 
ATOM   51  C  CB   . CYS A 1 4  ? -0.831 1.613   -2.839  1.00 1.37 ? 4  CYS A CB   1 
ATOM   52  S  SG   . CYS A 1 4  ? -1.524 1.773   -1.128  1.00 0.71 ? 4  CYS A SG   1 
ATOM   53  H  H    . CYS A 1 4  ? -2.480 -0.143  -4.184  1.00 0.62 ? 4  CYS A H    1 
ATOM   54  H  HA   . CYS A 1 4  ? -2.345 2.898   -3.964  1.00 1.02 ? 4  CYS A HA   1 
ATOM   55  H  HB2  . CYS A 1 4  ? -0.474 0.597   -2.927  1.00 2.18 ? 4  CYS A HB2  1 
ATOM   56  H  HB3  . CYS A 1 4  ? 0.049  2.253   -2.849  1.00 2.06 ? 4  CYS A HB3  1 
ATOM   57  H  HG   . CYS A 1 4  ? -1.259 1.009   -0.613  1.00 1.14 ? 4  CYS A HG   1 
ATOM   58  N  N    . SER A 1 5  ? -0.304 3.628   -5.598  1.00 0.55 ? 5  SER A N    1 
ATOM   59  C  CA   . SER A 1 5  ? 0.897  4.144   -6.577  1.00 0.40 ? 5  SER A CA   1 
ATOM   60  C  C    . SER A 1 5  ? 2.328  4.312   -5.672  1.00 0.39 ? 5  SER A C    1 
ATOM   61  O  O    . SER A 1 5  ? 3.408  4.458   -6.290  1.00 0.65 ? 5  SER A O    1 
ATOM   62  C  CB   . SER A 1 5  ? 0.426  5.505   -7.331  1.00 0.80 ? 5  SER A CB   1 
ATOM   63  O  OG   . SER A 1 5  ? -0.705 5.244   -8.220  1.00 1.25 ? 5  SER A OG   1 
ATOM   64  H  H    . SER A 1 5  ? -0.614 4.297   -4.909  1.00 1.29 ? 5  SER A H    1 
ATOM   65  H  HA   . SER A 1 5  ? 1.099  3.374   -7.329  1.00 0.47 ? 5  SER A HA   1 
ATOM   66  H  HB2  . SER A 1 5  ? 0.143  6.251   -6.601  1.00 0.96 ? 5  SER A HB2  1 
ATOM   67  H  HB3  . SER A 1 5  ? 1.258  5.907   -7.919  1.00 1.11 ? 5  SER A HB3  1 
ATOM   68  H  HG   . SER A 1 5  ? -1.005 6.072   -8.637  1.00 1.55 ? 5  SER A HG   1 
ATOM   69  N  N    . CYS A 1 6  ? 2.308  4.170   -4.207  1.00 0.27 ? 6  CYS A N    1 
ATOM   70  C  CA   . CYS A 1 6  ? 3.542  4.158   -3.130  1.00 0.26 ? 6  CYS A CA   1 
ATOM   71  C  C    . CYS A 1 6  ? 4.166  2.637   -2.946  1.00 0.35 ? 6  CYS A C    1 
ATOM   72  O  O    . CYS A 1 6  ? 5.396  2.523   -2.750  1.00 0.82 ? 6  CYS A O    1 
ATOM   73  C  CB   . CYS A 1 6  ? 3.119  4.845   -1.651  1.00 0.30 ? 6  CYS A CB   1 
ATOM   74  S  SG   . CYS A 1 6  ? 1.632  4.218   -0.657  1.00 0.81 ? 6  CYS A SG   1 
ATOM   75  H  H    . CYS A 1 6  ? 1.450  3.964   -3.817  1.00 0.41 ? 6  CYS A H    1 
ATOM   76  H  HA   . CYS A 1 6  ? 4.327  4.784   -3.535  1.00 0.31 ? 6  CYS A HA   1 
ATOM   77  H  HB2  . CYS A 1 6  ? 3.968  4.817   -0.973  1.00 0.86 ? 6  CYS A HB2  1 
ATOM   78  H  HB3  . CYS A 1 6  ? 2.934  5.883   -1.846  1.00 0.83 ? 6  CYS A HB3  1 
ATOM   79  H  HG   . CYS A 1 6  ? 0.872  4.759   -0.893  1.00 1.35 ? 6  CYS A HG   1 
ATOM   80  N  N    . CYS A 1 7  ? 3.287  1.500   -2.993  1.00 0.37 ? 7  CYS A N    1 
ATOM   81  C  CA   . CYS A 1 7  ? 3.661  -0.062  -2.822  1.00 0.36 ? 7  CYS A CA   1 
ATOM   82  C  C    . CYS A 1 7  ? 3.793  -0.796  -4.310  1.00 0.42 ? 7  CYS A C    1 
ATOM   83  O  O    . CYS A 1 7  ? 3.234  -0.230  -5.286  1.00 0.56 ? 7  CYS A O    1 
ATOM   84  C  CB   . CYS A 1 7  ? 2.539  -0.835  -1.856  1.00 0.38 ? 7  CYS A CB   1 
ATOM   85  S  SG   . CYS A 1 7  ? 2.277  -0.122  -0.155  1.00 0.29 ? 7  CYS A SG   1 
ATOM   86  H  H    . CYS A 1 7  ? 2.352  1.665   -3.142  1.00 0.69 ? 7  CYS A H    1 
ATOM   87  H  HA   . CYS A 1 7  ? 4.641  -0.145  -2.354  1.00 0.39 ? 7  CYS A HA   1 
ATOM   88  H  HB2  . CYS A 1 7  ? 1.575  -0.844  -2.338  1.00 0.48 ? 7  CYS A HB2  1 
ATOM   89  H  HB3  . CYS A 1 7  ? 2.852  -1.873  -1.727  1.00 0.61 ? 7  CYS A HB3  1 
ATOM   90  H  HG   . CYS A 1 7  ? 3.068  -0.309  0.358   1.00 0.90 ? 7  CYS A HG   1 
ATOM   91  N  N    . PRO A 1 8  ? 4.530  -2.083  -4.462  1.00 0.45 ? 8  PRO A N    1 
ATOM   92  C  CA   . PRO A 1 8  ? 4.709  -2.822  -5.881  1.00 0.58 ? 8  PRO A CA   1 
ATOM   93  C  C    . PRO A 1 8  ? 3.426  -3.836  -6.323  1.00 0.51 ? 8  PRO A C    1 
ATOM   94  O  O    . PRO A 1 8  ? 3.691  -4.900  -6.930  1.00 0.67 ? 8  PRO A O    1 
ATOM   95  C  CB   . PRO A 1 8  ? 6.142  -3.530  -5.621  1.00 0.73 ? 8  PRO A CB   1 
ATOM   96  C  CG   . PRO A 1 8  ? 6.232  -3.847  -4.111  1.00 0.70 ? 8  PRO A CG   1 
ATOM   97  C  CD   . PRO A 1 8  ? 5.269  -2.915  -3.365  1.00 0.55 ? 8  PRO A CD   1 
ATOM   98  H  HA   . PRO A 1 8  ? 4.806  -2.108  -6.696  1.00 0.70 ? 8  PRO A HA   1 
ATOM   99  H  HB2  . PRO A 1 8  ? 6.284  -4.424  -6.217  1.00 0.78 ? 8  PRO A HB2  1 
ATOM   100 H  HB3  . PRO A 1 8  ? 6.940  -2.819  -5.887  1.00 0.88 ? 8  PRO A HB3  1 
ATOM   101 H  HG2  . PRO A 1 8  ? 5.932  -4.898  -3.943  1.00 0.71 ? 8  PRO A HG2  1 
ATOM   102 H  HG3  . PRO A 1 8  ? 7.242  -3.723  -3.750  1.00 0.87 ? 8  PRO A HG3  1 
ATOM   103 H  HD2  . PRO A 1 8  ? 4.528  -3.474  -2.789  1.00 0.56 ? 8  PRO A HD2  1 
ATOM   104 H  HD3  . PRO A 1 8  ? 5.819  -2.254  -2.691  1.00 0.66 ? 8  PRO A HD3  1 
ATOM   105 N  N    . VAL A 1 9  ? 2.019  -3.480  -6.052  1.00 0.45 ? 9  VAL A N    1 
ATOM   106 C  CA   . VAL A 1 9  ? 0.640  -4.318  -6.403  1.00 0.53 ? 9  VAL A CA   1 
ATOM   107 C  C    . VAL A 1 9  ? 0.520  -5.657  -5.444  1.00 0.58 ? 9  VAL A C    1 
ATOM   108 O  O    . VAL A 1 9  ? -0.422 -5.728  -4.615  1.00 0.97 ? 9  VAL A O    1 
ATOM   109 C  CB   . VAL A 1 9  ? 0.510  -4.535  -8.103  1.00 0.73 ? 9  VAL A CB   1 
ATOM   110 C  CG1  . VAL A 1 9  ? -0.607 -5.626  -8.583  1.00 1.13 ? 9  VAL A CG1  1 
ATOM   111 C  CG2  . VAL A 1 9  ? 0.363  -3.090  -8.885  1.00 1.53 ? 9  VAL A CG2  1 
ATOM   112 H  H    . VAL A 1 9  ? 1.840  -2.633  -5.637  1.00 0.51 ? 9  VAL A H    1 
ATOM   113 H  HA   . VAL A 1 9  ? -0.186 -3.682  -6.088  1.00 0.65 ? 9  VAL A HA   1 
ATOM   114 H  HB   . VAL A 1 9  ? 1.452  -4.949  -8.424  1.00 1.46 ? 9  VAL A HB   1 
ATOM   115 H  HG11 . VAL A 1 9  ? -0.643 -5.702  -9.656  1.00 1.70 ? 9  VAL A HG11 1 
ATOM   116 H  HG12 . VAL A 1 9  ? -1.589 -5.364  -8.200  1.00 1.78 ? 9  VAL A HG12 1 
ATOM   117 H  HG13 . VAL A 1 9  ? -0.333 -6.607  -8.192  1.00 1.63 ? 9  VAL A HG13 1 
ATOM   118 H  HG21 . VAL A 1 9  ? 0.415  -3.230  -9.951  1.00 2.02 ? 9  VAL A HG21 1 
ATOM   119 H  HG22 . VAL A 1 9  ? 1.188  -2.432  -8.610  1.00 2.20 ? 9  VAL A HG22 1 
ATOM   120 H  HG23 . VAL A 1 9  ? -0.576 -2.604  -8.619  1.00 1.97 ? 9  VAL A HG23 1 
ATOM   121 N  N    . GLY A 1 10 ? 1.502  -6.687  -5.572  1.00 0.59 ? 10 GLY A N    1 
ATOM   122 C  CA   . GLY A 1 10 ? 1.616  -8.042  -4.761  1.00 0.75 ? 10 GLY A CA   1 
ATOM   123 C  C    . GLY A 1 10 ? 2.217  -7.949  -3.220  1.00 0.67 ? 10 GLY A C    1 
ATOM   124 O  O    . GLY A 1 10 ? 2.842  -8.936  -2.794  1.00 1.03 ? 10 GLY A O    1 
ATOM   125 H  H    . GLY A 1 10 ? 2.188  -6.547  -6.249  1.00 0.80 ? 10 GLY A H    1 
ATOM   126 H  HA2  . GLY A 1 10 ? 0.628  -8.496  -4.703  1.00 0.87 ? 10 GLY A HA2  1 
ATOM   127 H  HA3  . GLY A 1 10 ? 2.242  -8.704  -5.350  1.00 0.91 ? 10 GLY A HA3  1 
ATOM   128 N  N    . CYS A 1 11 ? 1.976  -6.779  -2.382  1.00 0.36 ? 11 CYS A N    1 
ATOM   129 C  CA   . CYS A 1 11 ? 2.420  -6.497  -0.799  1.00 0.30 ? 11 CYS A CA   1 
ATOM   130 C  C    . CYS A 1 11 ? 2.038  -7.758  0.281   1.00 0.27 ? 11 CYS A C    1 
ATOM   131 O  O    . CYS A 1 11 ? 1.267  -8.675  -0.090  1.00 0.35 ? 11 CYS A O    1 
ATOM   132 C  CB   . CYS A 1 11 ? 1.673  -5.048  -0.320  1.00 0.27 ? 11 CYS A CB   1 
ATOM   133 S  SG   . CYS A 1 11 ? 2.519  -3.901  0.877   1.00 0.33 ? 11 CYS A SG   1 
ATOM   134 H  H    . CYS A 1 11 ? 1.491  -6.059  -2.805  1.00 0.49 ? 11 CYS A H    1 
ATOM   135 H  HA   . CYS A 1 11 ? 3.487  -6.365  -0.812  1.00 0.34 ? 11 CYS A HA   1 
ATOM   136 H  HB2  . CYS A 1 11 ? 1.491  -4.428  -1.168  1.00 0.30 ? 11 CYS A HB2  1 
ATOM   137 H  HB3  . CYS A 1 11 ? 0.711  -5.292  0.101   1.00 0.29 ? 11 CYS A HB3  1 
ATOM   138 H  HG   . CYS A 1 11 ? 1.884  -3.632  1.540   1.00 0.94 ? 11 CYS A HG   1 
ATOM   139 N  N    . SER A 1 12 ? 2.539  -7.713  1.615   1.00 0.26 ? 12 SER A N    1 
ATOM   140 C  CA   . SER A 1 12 ? 2.261  -8.756  2.832   1.00 0.28 ? 12 SER A CA   1 
ATOM   141 C  C    . SER A 1 12 ? 1.142  -8.164  3.903   1.00 0.27 ? 12 SER A C    1 
ATOM   142 O  O    . SER A 1 12 ? 0.372  -8.982  4.451   1.00 0.31 ? 12 SER A O    1 
ATOM   143 C  CB   . SER A 1 12 ? 3.688  -9.021  3.571   1.00 0.34 ? 12 SER A CB   1 
ATOM   144 O  OG   . SER A 1 12 ? 4.597  -9.814  2.734   1.00 0.56 ? 12 SER A OG   1 
ATOM   145 H  H    . SER A 1 12 ? 3.071  -6.926  1.867   1.00 0.30 ? 12 SER A H    1 
ATOM   146 H  HA   . SER A 1 12 ? 1.901  -9.703  2.428   1.00 0.30 ? 12 SER A HA   1 
ATOM   147 H  HB2  . SER A 1 12 ? 4.162  -8.062  3.826   1.00 0.39 ? 12 SER A HB2  1 
ATOM   148 H  HB3  . SER A 1 12 ? 3.526  -9.562  4.498   1.00 0.45 ? 12 SER A HB3  1 
ATOM   149 H  HG   . SER A 1 12 ? 5.190  -9.237  2.218   1.00 1.05 ? 12 SER A HG   1 
ATOM   150 N  N    . LYS A 1 13 ? 1.060  -6.737  4.175   1.00 0.26 ? 13 LYS A N    1 
ATOM   151 C  CA   . LYS A 1 13 ? 0.048  -5.950  5.155   1.00 0.31 ? 13 LYS A CA   1 
ATOM   152 C  C    . LYS A 1 13 ? -1.321 -5.541  4.306   1.00 0.29 ? 13 LYS A C    1 
ATOM   153 O  O    . LYS A 1 13 ? -2.438 -5.754  4.820   1.00 0.39 ? 13 LYS A O    1 
ATOM   154 C  CB   . LYS A 1 13 ? 0.808  -4.597  5.748   1.00 0.33 ? 13 LYS A CB   1 
ATOM   155 C  CG   . LYS A 1 13 ? 2.167  -4.786  6.662   1.00 0.41 ? 13 LYS A CG   1 
ATOM   156 C  CD   . LYS A 1 13 ? 1.952  -5.214  8.235   1.00 1.20 ? 13 LYS A CD   1 
ATOM   157 C  CE   . LYS A 1 13 ? 3.334  -5.292  9.130   1.00 1.84 ? 13 LYS A CE   1 
ATOM   158 N  NZ   . LYS A 1 13 ? 3.057  -5.675  10.624  1.00 2.44 ? 13 LYS A NZ   1 
ATOM   159 H  H    . LYS A 1 13 ? 1.651  -6.136  3.677   1.00 0.26 ? 13 LYS A H    1 
ATOM   160 H  HA   . LYS A 1 13 ? -0.209 -6.581  5.973   1.00 0.35 ? 13 LYS A HA   1 
ATOM   161 H  HB2  . LYS A 1 13 ? 1.104  -3.988  4.882   1.00 0.35 ? 13 LYS A HB2  1 
ATOM   162 H  HB3  . LYS A 1 13 ? 0.085  -4.036  6.309   1.00 0.38 ? 13 LYS A HB3  1 
ATOM   163 H  HG2  . LYS A 1 13 ? 2.813  -5.520  6.181   1.00 0.72 ? 13 LYS A HG2  1 
ATOM   164 H  HG3  . LYS A 1 13 ? 2.687  -3.827  6.631   1.00 0.70 ? 13 LYS A HG3  1 
ATOM   165 H  HD2  . LYS A 1 13 ? 1.287  -4.496  8.711   1.00 1.71 ? 13 LYS A HD2  1 
ATOM   166 H  HD3  . LYS A 1 13 ? 1.476  -6.189  8.263   1.00 1.72 ? 13 LYS A HD3  1 
ATOM   167 H  HE2  . LYS A 1 13 ? 4.000  -6.041  8.708   1.00 2.21 ? 13 LYS A HE2  1 
ATOM   168 H  HE3  . LYS A 1 13 ? 3.840  -4.327  9.114   1.00 2.39 ? 13 LYS A HE3  1 
ATOM   169 H  HZ1  . LYS A 1 13 ? 2.524  -4.918  11.120  1.00 2.82 ? 13 LYS A HZ1  1 
ATOM   170 H  HZ2  . LYS A 1 13 ? 3.973  -5.788  11.113  1.00 2.83 ? 13 LYS A HZ2  1 
ATOM   171 H  HZ3  . LYS A 1 13 ? 2.536  -6.584  10.707  1.00 2.80 ? 13 LYS A HZ3  1 
ATOM   172 N  N    . CYS A 1 14 ? -1.164 -4.998  2.967   1.00 0.23 ? 14 CYS A N    1 
ATOM   173 C  CA   . CYS A 1 14 ? -2.303 -4.582  1.909   1.00 0.26 ? 14 CYS A CA   1 
ATOM   174 C  C    . CYS A 1 14 ? -2.852 -5.905  0.993   1.00 0.33 ? 14 CYS A C    1 
ATOM   175 O  O    . CYS A 1 14 ? -3.629 -5.672  0.026   1.00 0.42 ? 14 CYS A O    1 
ATOM   176 C  CB   . CYS A 1 14 ? -1.664 -3.375  0.927   1.00 0.25 ? 14 CYS A CB   1 
ATOM   177 S  SG   . CYS A 1 14 ? -1.324 -1.687  1.605   1.00 0.28 ? 14 CYS A SG   1 
ATOM   178 H  H    . CYS A 1 14 ? -0.248 -4.903  2.637   1.00 0.22 ? 14 CYS A H    1 
ATOM   179 H  HA   . CYS A 1 14 ? -3.138 -4.207  2.440   1.00 0.29 ? 14 CYS A HA   1 
ATOM   180 H  HB2  . CYS A 1 14 ? -0.761 -3.700  0.549   1.00 0.28 ? 14 CYS A HB2  1 
ATOM   181 H  HB3  . CYS A 1 14 ? -2.285 -3.260  0.102   1.00 0.30 ? 14 CYS A HB3  1 
ATOM   182 H  HG   . CYS A 1 14 ? -0.543 -1.335  1.173   1.00 0.90 ? 14 CYS A HG   1 
ATOM   183 N  N    . ALA A 1 15 ? -2.478 -7.287  1.302   1.00 0.33 ? 15 ALA A N    1 
ATOM   184 C  CA   . ALA A 1 15 ? -2.922 -8.653  0.481   1.00 0.44 ? 15 ALA A CA   1 
ATOM   185 C  C    . ALA A 1 15 ? -4.558 -8.920  0.314   1.00 0.53 ? 15 ALA A C    1 
ATOM   186 O  O    . ALA A 1 15 ? -4.990 -9.345  -0.784  1.00 0.63 ? 15 ALA A O    1 
ATOM   187 C  CB   . ALA A 1 15 ? -2.174 -9.923  1.160   1.00 0.46 ? 15 ALA A CB   1 
ATOM   188 H  H    . ALA A 1 15 ? -1.900 -7.423  2.085   1.00 0.29 ? 15 ALA A H    1 
ATOM   189 H  HA   . ALA A 1 15 ? -2.516 -8.526  -0.487  1.00 0.48 ? 15 ALA A HA   1 
ATOM   190 H  HB1  . ALA A 1 15 ? -1.102 -9.762  1.137   1.00 1.15 ? 15 ALA A HB1  1 
ATOM   191 H  HB2  . ALA A 1 15 ? -2.386 -10.847 0.629   1.00 1.11 ? 15 ALA A HB2  1 
ATOM   192 H  HB3  . ALA A 1 15 ? -2.484 -10.029 2.203   1.00 1.10 ? 15 ALA A HB3  1 
ATOM   193 N  N    . GLN A 1 16 ? -5.400 -8.644  1.413   1.00 0.54 ? 16 GLN A N    1 
ATOM   194 C  CA   . GLN A 1 16 ? -7.023 -8.780  1.511   1.00 0.69 ? 16 GLN A CA   1 
ATOM   195 C  C    . GLN A 1 16 ? -7.720 -7.316  1.887   1.00 0.41 ? 16 GLN A C    1 
ATOM   196 O  O    . GLN A 1 16 ? -8.777 -7.001  1.280   1.00 0.69 ? 16 GLN A O    1 
ATOM   197 C  CB   . GLN A 1 16 ? -7.331 -10.009 2.584   1.00 1.27 ? 16 GLN A CB   1 
ATOM   198 C  CG   . GLN A 1 16 ? -8.910 -10.461 2.776   1.00 1.71 ? 16 GLN A CG   1 
ATOM   199 C  CD   . GLN A 1 16 ? -9.092 -11.938 3.421   1.00 2.54 ? 16 GLN A CD   1 
ATOM   200 O  OE1  . GLN A 1 16 ? -9.051 -12.088 4.640   1.00 3.19 ? 16 GLN A OE1  1 
ATOM   201 N  NE2  . GLN A 1 16 ? -9.290 -13.050 2.675   1.00 3.15 ? 16 GLN A NE2  1 
ATOM   202 H  H    . GLN A 1 16 ? -4.941 -8.316  2.227   1.00 0.49 ? 16 GLN A H    1 
ATOM   203 H  HA   . GLN A 1 16 ? -7.401 -9.075  0.553   1.00 1.04 ? 16 GLN A HA   1 
ATOM   204 H  HB2  . GLN A 1 16 ? -6.760 -10.873 2.231   1.00 1.54 ? 16 GLN A HB2  1 
ATOM   205 H  HB3  . GLN A 1 16 ? -6.923 -9.731  3.566   1.00 1.35 ? 16 GLN A HB3  1 
ATOM   206 H  HG2  . GLN A 1 16 ? -9.391 -9.731  3.428   1.00 1.90 ? 16 GLN A HG2  1 
ATOM   207 H  HG3  . GLN A 1 16 ? -9.433 -10.427 1.814   1.00 1.98 ? 16 GLN A HG3  1 
ATOM   208 H  HE21 . GLN A 1 16 ? -9.346 -13.023 1.680   1.00 3.15 ? 16 GLN A HE21 1 
ATOM   209 H  HE22 . GLN A 1 16 ? -9.364 -13.910 3.129   1.00 3.89 ? 16 GLN A HE22 1 
ATOM   210 N  N    . GLY A 1 17 ? -7.132 -6.478  2.890   1.00 0.47 ? 17 GLY A N    1 
ATOM   211 C  CA   . GLY A 1 17 ? -7.668 -5.057  3.398   1.00 1.01 ? 17 GLY A CA   1 
ATOM   212 C  C    . GLY A 1 17 ? -6.507 -3.942  3.489   1.00 1.02 ? 17 GLY A C    1 
ATOM   213 O  O    . GLY A 1 17 ? -5.506 -4.201  4.209   1.00 1.73 ? 17 GLY A O    1 
ATOM   214 H  H    . GLY A 1 17 ? -6.302 -6.814  3.332   1.00 0.40 ? 17 GLY A H    1 
ATOM   215 H  HA2  . GLY A 1 17 ? -8.480 -4.683  2.764   1.00 1.24 ? 17 GLY A HA2  1 
ATOM   216 H  HA3  . GLY A 1 17 ? -8.073 -5.191  4.389   1.00 1.34 ? 17 GLY A HA3  1 
ATOM   217 N  N    . CYS A 1 18 ? -6.638 -2.667  2.786   1.00 0.35 ? 18 CYS A N    1 
ATOM   218 C  CA   . CYS A 1 18 ? -5.536 -1.446  2.819   1.00 0.30 ? 18 CYS A CA   1 
ATOM   219 C  C    . CYS A 1 18 ? -5.356 -0.789  4.366   1.00 0.30 ? 18 CYS A C    1 
ATOM   220 O  O    . CYS A 1 18 ? -6.364 -0.569  5.073   1.00 0.33 ? 18 CYS A O    1 
ATOM   221 C  CB   . CYS A 1 18 ? -5.921 -0.309  1.650   1.00 0.34 ? 18 CYS A CB   1 
ATOM   222 S  SG   . CYS A 1 18 ? -4.563 0.876   1.116   1.00 0.36 ? 18 CYS A SG   1 
ATOM   223 H  H    . CYS A 1 18 ? -7.467 -2.527  2.234   1.00 0.52 ? 18 CYS A H    1 
ATOM   224 H  HA   . CYS A 1 18 ? -4.570 -1.920  2.539   1.00 0.29 ? 18 CYS A HA   1 
ATOM   225 H  HB2  . CYS A 1 18 ? -6.222 -0.831  0.754   1.00 0.41 ? 18 CYS A HB2  1 
ATOM   226 H  HB3  . CYS A 1 18 ? -6.780 0.277   1.966   1.00 0.37 ? 18 CYS A HB3  1 
ATOM   227 H  HG   . CYS A 1 18 ? -4.259 1.341   1.896   1.00 0.98 ? 18 CYS A HG   1 
ATOM   228 N  N    . VAL A 1 19 ? -4.043 -0.484  4.773   1.00 0.31 ? 19 VAL A N    1 
ATOM   229 C  CA   . VAL A 1 19 ? -3.483 0.177   6.149   1.00 0.36 ? 19 VAL A CA   1 
ATOM   230 C  C    . VAL A 1 19 ? -2.992 1.768   5.904   1.00 0.35 ? 19 VAL A C    1 
ATOM   231 O  O    . VAL A 1 19 ? -2.918 2.509   6.907   1.00 0.39 ? 19 VAL A O    1 
ATOM   232 C  CB   . VAL A 1 19 ? -2.240 -0.862  6.757   1.00 0.42 ? 19 VAL A CB   1 
ATOM   233 C  CG1  . VAL A 1 19 ? -1.029 -1.242  5.669   1.00 0.85 ? 19 VAL A CG1  1 
ATOM   234 C  CG2  . VAL A 1 19 ? -1.635 -0.385  8.204   1.00 0.66 ? 19 VAL A CG2  1 
ATOM   235 H  H    . VAL A 1 19 ? -3.342 -0.655  4.111   1.00 0.31 ? 19 VAL A H    1 
ATOM   236 H  HA   . VAL A 1 19 ? -4.292 0.198   6.865   1.00 0.40 ? 19 VAL A HA   1 
ATOM   237 H  HB   . VAL A 1 19 ? -2.745 -1.813  6.958   1.00 0.85 ? 19 VAL A HB   1 
ATOM   238 H  HG11 . VAL A 1 19 ? -0.150 -1.666  6.137   1.00 1.43 ? 19 VAL A HG11 1 
ATOM   239 H  HG12 . VAL A 1 19 ? -0.732 -0.367  5.113   1.00 1.32 ? 19 VAL A HG12 1 
ATOM   240 H  HG13 . VAL A 1 19 ? -1.418 -1.961  4.948   1.00 1.49 ? 19 VAL A HG13 1 
ATOM   241 H  HG21 . VAL A 1 19 ? -0.955 -1.132  8.605   1.00 1.35 ? 19 VAL A HG21 1 
ATOM   242 H  HG22 . VAL A 1 19 ? -2.437 -0.251  8.916   1.00 1.23 ? 19 VAL A HG22 1 
ATOM   243 H  HG23 . VAL A 1 19 ? -1.108 0.563   8.088   1.00 1.31 ? 19 VAL A HG23 1 
ATOM   244 N  N    . CYS A 1 20 ? -2.603 2.211   4.585   1.00 0.32 ? 20 CYS A N    1 
ATOM   245 C  CA   . CYS A 1 20 ? -2.019 3.646   4.110   1.00 0.35 ? 20 CYS A CA   1 
ATOM   246 C  C    . CYS A 1 20 ? -3.108 4.901   4.260   1.00 0.42 ? 20 CYS A C    1 
ATOM   247 O  O    . CYS A 1 20 ? -4.245 4.790   3.739   1.00 0.57 ? 20 CYS A O    1 
ATOM   248 C  CB   . CYS A 1 20 ? -1.417 3.502   2.544   1.00 0.33 ? 20 CYS A CB   1 
ATOM   249 S  SG   . CYS A 1 20 ? 0.022  2.311   2.255   1.00 0.29 ? 20 CYS A SG   1 
ATOM   250 H  H    . CYS A 1 20 ? -2.649 1.549   3.881   1.00 0.32 ? 20 CYS A H    1 
ATOM   251 H  HA   . CYS A 1 20 ? -1.192 3.882   4.751   1.00 0.38 ? 20 CYS A HA   1 
ATOM   252 H  HB2  . CYS A 1 20 ? -2.221 3.159   1.903   1.00 0.34 ? 20 CYS A HB2  1 
ATOM   253 H  HB3  . CYS A 1 20 ? -1.101 4.473   2.189   1.00 0.38 ? 20 CYS A HB3  1 
ATOM   254 H  HG   . CYS A 1 20 ? -0.332 1.441   2.091   1.00 0.92 ? 20 CYS A HG   1 
ATOM   255 N  N    . LYS A 1 21 ? -2.686 6.101   4.949   1.00 0.48 ? 21 LYS A N    1 
ATOM   256 C  CA   . LYS A 1 21 ? -3.530 7.484   5.172   1.00 0.55 ? 21 LYS A CA   1 
ATOM   257 C  C    . LYS A 1 21 ? -3.089 8.613   4.039   1.00 0.52 ? 21 LYS A C    1 
ATOM   258 O  O    . LYS A 1 21 ? -3.991 9.332   3.547   1.00 0.70 ? 21 LYS A O    1 
ATOM   259 C  CB   . LYS A 1 21 ? -3.372 7.956   6.760   1.00 0.89 ? 21 LYS A CB   1 
ATOM   260 C  CG   . LYS A 1 21 ? -4.248 7.022   7.821   1.00 1.47 ? 21 LYS A CG   1 
ATOM   261 C  CD   . LYS A 1 21 ? -3.874 7.143   9.432   1.00 2.02 ? 21 LYS A CD   1 
ATOM   262 C  CE   . LYS A 1 21 ? -5.156 7.174   10.494  1.00 2.68 ? 21 LYS A CE   1 
ATOM   263 N  NZ   . LYS A 1 21 ? -5.468 8.609   11.037  1.00 3.33 ? 21 LYS A NZ   1 
ATOM   264 H  H    . LYS A 1 21 ? -1.754 6.123   5.300   1.00 0.57 ? 21 LYS A H    1 
ATOM   265 H  HA   . LYS A 1 21 ? -4.563 7.264   4.973   1.00 0.77 ? 21 LYS A HA   1 
ATOM   266 H  HB2  . LYS A 1 21 ? -2.316 7.931   7.023   1.00 1.09 ? 21 LYS A HB2  1 
ATOM   267 H  HB3  . LYS A 1 21 ? -3.713 8.989   6.869   1.00 1.09 ? 21 LYS A HB3  1 
ATOM   268 H  HG2  . LYS A 1 21 ? -5.295 7.259   7.652   1.00 1.90 ? 21 LYS A HG2  1 
ATOM   269 H  HG3  . LYS A 1 21 ? -4.118 5.970   7.536   1.00 1.79 ? 21 LYS A HG3  1 
ATOM   270 H  HD2  . LYS A 1 21 ? -3.282 6.257   9.683   1.00 2.31 ? 21 LYS A HD2  1 
ATOM   271 H  HD3  . LYS A 1 21 ? -3.227 8.004   9.623   1.00 2.51 ? 21 LYS A HD3  1 
ATOM   272 H  HE2  . LYS A 1 21 ? -6.064 6.778   10.040  1.00 3.07 ? 21 LYS A HE2  1 
ATOM   273 H  HE3  . LYS A 1 21 ? -4.917 6.538   11.339  1.00 3.03 ? 21 LYS A HE3  1 
ATOM   274 H  HZ1  . LYS A 1 21 ? -6.267 8.550   11.708  1.00 3.63 ? 21 LYS A HZ1  1 
ATOM   275 H  HZ2  . LYS A 1 21 ? -5.747 9.264   10.267  1.00 3.71 ? 21 LYS A HZ2  1 
ATOM   276 H  HZ3  . LYS A 1 21 ? -4.643 9.001   11.556  1.00 3.67 ? 21 LYS A HZ3  1 
ATOM   277 N  N    . GLY A 1 22 ? -1.726 8.649   3.522   1.00 0.65 ? 22 GLY A N    1 
ATOM   278 C  CA   . GLY A 1 22 ? -1.148 9.523   2.290   1.00 1.12 ? 22 GLY A CA   1 
ATOM   279 C  C    . GLY A 1 22 ? -1.782 8.932   0.868   1.00 1.34 ? 22 GLY A C    1 
ATOM   280 O  O    . GLY A 1 22 ? -2.421 9.702   0.135   1.00 1.94 ? 22 GLY A O    1 
ATOM   281 H  H    . GLY A 1 22 ? -1.099 8.006   3.900   1.00 0.54 ? 22 GLY A H    1 
ATOM   282 H  HA2  . GLY A 1 22 ? -1.389 10.579  2.427   1.00 1.54 ? 22 GLY A HA2  1 
ATOM   283 H  HA3  . GLY A 1 22 ? -0.063 9.420   2.257   1.00 1.11 ? 22 GLY A HA3  1 
ATOM   284 N  N    . ALA A 1 23 ? -1.713 7.478   0.607   1.00 1.09 ? 23 ALA A N    1 
ATOM   285 C  CA   . ALA A 1 23 ? -2.385 6.588   -0.579  1.00 1.66 ? 23 ALA A CA   1 
ATOM   286 C  C    . ALA A 1 23 ? -1.781 6.693   -2.096  1.00 1.03 ? 23 ALA A C    1 
ATOM   287 O  O    . ALA A 1 23 ? -1.641 5.596   -2.698  1.00 1.72 ? 23 ALA A O    1 
ATOM   288 C  CB   . ALA A 1 23 ? -4.017 6.761   -0.561  1.00 2.70 ? 23 ALA A CB   1 
ATOM   289 H  H    . ALA A 1 23 ? -1.247 6.919   1.304   1.00 0.71 ? 23 ALA A H    1 
ATOM   290 H  HA   . ALA A 1 23 ? -2.224 5.549   -0.259  1.00 2.29 ? 23 ALA A HA   1 
ATOM   291 H  HB1  . ALA A 1 23 ? -4.507 6.109   -1.300  1.00 3.18 ? 23 ALA A HB1  1 
ATOM   292 H  HB2  . ALA A 1 23 ? -4.290 7.787   -0.766  1.00 3.19 ? 23 ALA A HB2  1 
ATOM   293 H  HB3  . ALA A 1 23 ? -4.400 6.506   0.427   1.00 3.10 ? 23 ALA A HB3  1 
ATOM   294 N  N    . ALA A 1 24 ? -1.511 7.949   -2.752  1.00 1.04 ? 24 ALA A N    1 
ATOM   295 C  CA   . ALA A 1 24 ? -1.031 8.101   -4.319  1.00 1.53 ? 24 ALA A CA   1 
ATOM   296 C  C    . ALA A 1 24 ? 0.518  8.625   -4.619  1.00 1.22 ? 24 ALA A C    1 
ATOM   297 O  O    . ALA A 1 24 ? 0.838  8.808   -5.839  1.00 1.46 ? 24 ALA A O    1 
ATOM   298 C  CB   . ALA A 1 24 ? -2.203 8.969   -5.056  1.00 2.17 ? 24 ALA A CB   1 
ATOM   299 H  H    . ALA A 1 24 ? -1.675 8.788   -2.255  1.00 1.64 ? 24 ALA A H    1 
ATOM   300 H  HA   . ALA A 1 24 ? -1.079 7.134   -4.780  1.00 2.10 ? 24 ALA A HA   1 
ATOM   301 H  HB1  . ALA A 1 24 ? -2.030 9.001   -6.130  1.00 2.57 ? 24 ALA A HB1  1 
ATOM   302 H  HB2  . ALA A 1 24 ? -2.232 9.981   -4.678  1.00 2.63 ? 24 ALA A HB2  1 
ATOM   303 H  HB3  . ALA A 1 24 ? -3.172 8.501   -4.891  1.00 2.52 ? 24 ALA A HB3  1 
ATOM   304 N  N    . ASP A 1 25 ? 1.512  8.849   -3.573  1.00 0.79 ? 25 ASP A N    1 
ATOM   305 C  CA   . ASP A 1 25 ? 3.056  9.355   -3.811  1.00 0.69 ? 25 ASP A CA   1 
ATOM   306 C  C    . ASP A 1 25 ? 4.130  8.478   -2.887  1.00 0.53 ? 25 ASP A C    1 
ATOM   307 O  O    . ASP A 1 25 ? 5.012  7.803   -3.465  1.00 0.72 ? 25 ASP A O    1 
ATOM   308 C  CB   . ASP A 1 25 ? 3.044  11.003  -3.507  1.00 0.87 ? 25 ASP A CB   1 
ATOM   309 C  CG   . ASP A 1 25 ? 4.305  11.826  -4.086  1.00 1.27 ? 25 ASP A CG   1 
ATOM   310 O  OD1  . ASP A 1 25 ? 5.315  11.914  -3.395  1.00 1.88 ? 25 ASP A OD1  1 
ATOM   311 O  OD2  . ASP A 1 25 ? 4.232  12.320  -5.212  1.00 1.75 ? 25 ASP A OD2  1 
ATOM   312 H  H    . ASP A 1 25 ? 1.247  8.686   -2.635  1.00 0.67 ? 25 ASP A H    1 
ATOM   313 H  HA   . ASP A 1 25 ? 3.334  9.189   -4.848  1.00 0.85 ? 25 ASP A HA   1 
ATOM   314 H  HB2  . ASP A 1 25 ? 2.141  11.426  -3.931  1.00 1.10 ? 25 ASP A HB2  1 
ATOM   315 H  HB3  . ASP A 1 25 ? 2.971  11.156  -2.425  1.00 0.87 ? 25 ASP A HB3  1 
ATOM   316 N  N    . LYS A 1 26 ? 4.062  8.571   -1.443  1.00 0.50 ? 26 LYS A N    1 
ATOM   317 C  CA   . LYS A 1 26 ? 5.058  7.870   -0.340  1.00 0.52 ? 26 LYS A CA   1 
ATOM   318 C  C    . LYS A 1 26 ? 4.334  7.502   1.120   1.00 0.60 ? 26 LYS A C    1 
ATOM   319 O  O    . LYS A 1 26 ? 3.539  8.359   1.590   1.00 1.41 ? 26 LYS A O    1 
ATOM   320 C  CB   . LYS A 1 26 ? 6.379  8.898   -0.146  1.00 0.59 ? 26 LYS A CB   1 
ATOM   321 C  CG   . LYS A 1 26 ? 6.089  10.433  0.431   1.00 0.60 ? 26 LYS A CG   1 
ATOM   322 C  CD   . LYS A 1 26 ? 7.380  11.449  0.429   1.00 0.88 ? 26 LYS A CD   1 
ATOM   323 C  CE   . LYS A 1 26 ? 7.206  12.818  1.319   1.00 1.60 ? 26 LYS A CE   1 
ATOM   324 N  NZ   . LYS A 1 26 ? 8.409  13.809  1.136   1.00 2.18 ? 26 LYS A NZ   1 
ATOM   325 H  H    . LYS A 1 26 ? 3.369  9.174   -1.085  1.00 0.68 ? 26 LYS A H    1 
ATOM   326 H  HA   . LYS A 1 26 ? 5.442  6.934   -0.763  1.00 0.54 ? 26 LYS A HA   1 
ATOM   327 H  HB2  . LYS A 1 26 ? 7.104  8.419   0.515   1.00 0.69 ? 26 LYS A HB2  1 
ATOM   328 H  HB3  . LYS A 1 26 ? 6.859  8.977   -1.123  1.00 0.65 ? 26 LYS A HB3  1 
ATOM   329 H  HG2  . LYS A 1 26 ? 5.307  10.886  -0.186  1.00 0.60 ? 26 LYS A HG2  1 
ATOM   330 H  HG3  . LYS A 1 26 ? 5.691  10.322  1.440   1.00 0.65 ? 26 LYS A HG3  1 
ATOM   331 H  HD2  . LYS A 1 26 ? 8.264  10.935  0.805   1.00 1.32 ? 26 LYS A HD2  1 
ATOM   332 H  HD3  . LYS A 1 26 ? 7.574  11.734  -0.604  1.00 1.31 ? 26 LYS A HD3  1 
ATOM   333 H  HE2  . LYS A 1 26 ? 6.294  13.341  1.041   1.00 2.13 ? 26 LYS A HE2  1 
ATOM   334 H  HE3  . LYS A 1 26 ? 7.147  12.546  2.371   1.00 2.12 ? 26 LYS A HE3  1 
ATOM   335 H  HZ1  . LYS A 1 26 ? 8.488  14.141  0.142   1.00 2.53 ? 26 LYS A HZ1  1 
ATOM   336 H  HZ2  . LYS A 1 26 ? 9.318  13.377  1.433   1.00 2.66 ? 26 LYS A HZ2  1 
ATOM   337 H  HZ3  . LYS A 1 26 ? 8.246  14.648  1.740   1.00 2.54 ? 26 LYS A HZ3  1 
ATOM   338 N  N    . CYS A 1 27 ? 4.674  6.281   1.842   1.00 0.53 ? 27 CYS A N    1 
ATOM   339 C  CA   . CYS A 1 27 ? 4.119  5.845   3.304   1.00 0.50 ? 27 CYS A CA   1 
ATOM   340 C  C    . CYS A 1 27 ? 5.282  5.627   4.483   1.00 0.50 ? 27 CYS A C    1 
ATOM   341 O  O    . CYS A 1 27 ? 6.426  5.235   4.149   1.00 0.76 ? 27 CYS A O    1 
ATOM   342 C  CB   . CYS A 1 27 ? 3.086  4.563   3.187   1.00 0.60 ? 27 CYS A CB   1 
ATOM   343 S  SG   . CYS A 1 27 ? 3.684  2.851   2.721   1.00 0.55 ? 27 CYS A SG   1 
ATOM   344 H  H    . CYS A 1 27 ? 5.320  5.662   1.437   1.00 1.15 ? 27 CYS A H    1 
ATOM   345 H  HA   . CYS A 1 27 ? 3.498  6.660   3.656   1.00 0.57 ? 27 CYS A HA   1 
ATOM   346 H  HB2  . CYS A 1 27 ? 2.621  4.430   4.157   1.00 0.90 ? 27 CYS A HB2  1 
ATOM   347 H  HB3  . CYS A 1 27 ? 2.302  4.839   2.519   1.00 0.90 ? 27 CYS A HB3  1 
ATOM   348 H  HG   . CYS A 1 27 ? 4.127  2.899   1.870   1.00 1.06 ? 27 CYS A HG   1 
ATOM   349 N  N    . THR A 1 28 ? 4.865  5.745   5.854   1.00 0.51 ? 28 THR A N    1 
ATOM   350 C  CA   . THR A 1 28 ? 5.743  5.414   7.180   1.00 0.55 ? 28 THR A CA   1 
ATOM   351 C  C    . THR A 1 28 ? 5.047  4.107   7.999   1.00 0.44 ? 28 THR A C    1 
ATOM   352 O  O    . THR A 1 28 ? 5.188  4.017   9.249   1.00 0.55 ? 28 THR A O    1 
ATOM   353 C  CB   . THR A 1 28 ? 5.907  6.859   8.059   1.00 0.72 ? 28 THR A CB   1 
ATOM   354 O  OG1  . THR A 1 28 ? 4.604  7.462   8.468   1.00 0.92 ? 28 THR A OG1  1 
ATOM   355 C  CG2  . THR A 1 28 ? 6.884  7.967   7.390   1.00 1.02 ? 28 THR A CG2  1 
ATOM   356 H  H    . THR A 1 28 ? 3.898  5.963   6.017   1.00 0.70 ? 28 THR A H    1 
ATOM   357 H  HA   . THR A 1 28 ? 6.747  5.044   6.901   1.00 0.62 ? 28 THR A HA   1 
ATOM   358 H  HB   . THR A 1 28 ? 6.389  6.587   8.999   1.00 0.89 ? 28 THR A HB   1 
ATOM   359 H  HG1  . THR A 1 28 ? 4.047  7.772   7.712   1.00 1.07 ? 28 THR A HG1  1 
ATOM   360 H  HG21 . THR A 1 28 ? 6.489  8.289   6.433   1.00 1.44 ? 28 THR A HG21 1 
ATOM   361 H  HG22 . THR A 1 28 ? 7.875  7.554   7.247   1.00 1.49 ? 28 THR A HG22 1 
ATOM   362 H  HG23 . THR A 1 28 ? 6.964  8.824   8.046   1.00 1.62 ? 28 THR A HG23 1 
ATOM   363 N  N    . CYS A 1 29 ? 4.314  3.073   7.249   1.00 0.32 ? 29 CYS A N    1 
ATOM   364 C  CA   . CYS A 1 29 ? 3.574  1.733   7.832   1.00 0.33 ? 29 CYS A CA   1 
ATOM   365 C  C    . CYS A 1 29 ? 4.080  0.285   7.189   1.00 0.34 ? 29 CYS A C    1 
ATOM   366 O  O    . CYS A 1 29 ? 3.923  -0.745  7.905   1.00 0.50 ? 29 CYS A O    1 
ATOM   367 C  CB   . CYS A 1 29 ? 1.927  1.950   7.730   1.00 0.38 ? 29 CYS A CB   1 
ATOM   368 S  SG   . CYS A 1 29 ? 1.103  2.169   6.056   1.00 0.83 ? 29 CYS A SG   1 
ATOM   369 H  H    . CYS A 1 29 ? 4.236  3.177   6.250   1.00 0.33 ? 29 CYS A H    1 
ATOM   370 H  HA   . CYS A 1 29 ? 3.801  1.665   8.889   1.00 0.40 ? 29 CYS A HA   1 
ATOM   371 H  HB2  . CYS A 1 29 ? 1.430  1.108   8.194   1.00 0.80 ? 29 CYS A HB2  1 
ATOM   372 H  HB3  . CYS A 1 29 ? 1.673  2.816   8.326   1.00 0.76 ? 29 CYS A HB3  1 
ATOM   373 H  HG   . CYS A 1 29 ? 1.023  1.305   5.648   1.00 1.22 ? 29 CYS A HG   1 
ATOM   374 N  N    . CYS A 1 30 ? 4.617  0.217   5.860   1.00 0.35 ? 30 CYS A N    1 
ATOM   375 C  CA   . CYS A 1 30 ? 5.083  -1.112  5.078   1.00 0.40 ? 30 CYS A CA   1 
ATOM   376 C  C    . CYS A 1 30 ? 6.754  -1.188  4.966   1.00 0.47 ? 30 CYS A C    1 
ATOM   377 O  O    . CYS A 1 30 ? 7.274  -1.835  4.022   1.00 0.56 ? 30 CYS A O    1 
ATOM   378 C  CB   . CYS A 1 30 ? 4.251  -1.140  3.614   1.00 0.50 ? 30 CYS A CB   1 
ATOM   379 S  SG   . CYS A 1 30 ? 2.364  -1.033  3.660   1.00 0.34 ? 30 CYS A SG   1 
ATOM   380 H  H    . CYS A 1 30 ? 4.715  1.036   5.353   1.00 0.44 ? 30 CYS A H    1 
ATOM   381 H  HA   . CYS A 1 30 ? 4.806  -1.980  5.648   1.00 0.43 ? 30 CYS A HA   1 
ATOM   382 H  HB2  . CYS A 1 30 ? 4.594  -0.312  3.017   1.00 0.78 ? 30 CYS A HB2  1 
ATOM   383 H  HB3  . CYS A 1 30 ? 4.518  -2.045  3.096   1.00 0.86 ? 30 CYS A HB3  1 
ATOM   384 H  HG   . CYS A 1 30 ? 2.015  -1.396  2.867   1.00 0.98 ? 30 CYS A HG   1 
ATOM   385 N  N    . ALA A 1 31 ? 7.585  -0.573  5.993   1.00 0.53 ? 31 ALA A N    1 
ATOM   386 C  CA   . ALA A 1 31 ? 9.205  -0.578  6.074   1.00 0.71 ? 31 ALA A CA   1 
ATOM   387 C  C    . ALA A 1 31 ? 9.783  -1.716  7.088   1.00 1.48 ? 31 ALA A C    1 
ATOM   388 O  O    . ALA A 1 31 ? 9.130  -2.041  8.087   1.00 2.23 ? 31 ALA A O    1 
ATOM   389 C  CB   . ALA A 1 31 ? 9.704  0.919   6.465   1.00 1.31 ? 31 ALA A CB   1 
ATOM   390 O  OXT  . ALA A 1 31 ? 10.893 -2.206  6.858   1.00 2.14 ? 31 ALA A OXT  1 
ATOM   391 H  H    . ALA A 1 31 ? 7.118  -0.136  6.747   1.00 0.52 ? 31 ALA A H    1 
ATOM   392 H  HA   . ALA A 1 31 ? 9.585  -0.780  5.081   1.00 1.24 ? 31 ALA A HA   1 
ATOM   393 H  HB1  . ALA A 1 31 ? 9.358  1.623   5.718   1.00 1.77 ? 31 ALA A HB1  1 
ATOM   394 H  HB2  . ALA A 1 31 ? 10.792 0.971   6.481   1.00 1.81 ? 31 ALA A HB2  1 
ATOM   395 H  HB3  . ALA A 1 31 ? 9.315  1.225   7.438   1.00 1.97 ? 31 ALA A HB3  1 
HETATM 396 CD CD   . CD  B 2 .  ? 1.857  1.450   3.752   1.00 0.34 ? 32 CD  A CD   1 
HETATM 397 CD CD   . CD  C 2 .  ? -2.631 -0.234  -0.054  1.00 0.41 ? 33 CD  A CD   1 
HETATM 398 CD CD   . CD  D 2 .  ? 1.252  -1.744  1.483   1.00 0.25 ? 34 CD  A CD   1 
HETATM 399 CD CD   . CD  E 2 .  ? 0.766  1.911   -0.086  1.00 0.34 ? 35 CD  A CD   1 
# 
